data_4OUI
#
_entry.id   4OUI
#
_cell.length_a   64.100
_cell.length_b   98.940
_cell.length_c   154.500
_cell.angle_alpha   90.00
_cell.angle_beta   90.00
_cell.angle_gamma   90.00
#
_symmetry.space_group_name_H-M   'P 21 21 21'
#
loop_
_entity.id
_entity.type
_entity.pdbx_description
1 polymer 'Deacetylase DA1'
2 branched 2-acetamido-2-deoxy-beta-D-glucopyranose-(1-4)-2-acetamido-2-deoxy-beta-D-glucopyranose-(1-4)-2-acetamido-2-deoxy-beta-D-glucopyranose
3 non-polymer 'ZINC ION'
4 non-polymer 'MAGNESIUM ION'
5 non-polymer 1,2-ETHANEDIOL
6 water water
#
_entity_poly.entity_id   1
_entity_poly.type   'polypeptide(L)'
_entity_poly.pdbx_seq_one_letter_code
;MNSTPKGTIYLTFSDGPVNASVEVIKVLNQGGVKATFYFNAWHLDGIGDENEDRALEALKLALDSGHIVGNHSYDHMIHN
CVEEFGPTSGADCNATGNHQIHSYQDPVRDAASFEQNLITLEKYLPTIRSYPNYKGYELARLPYTNGWRVTKHFQADGLC
ATSDNLKPWEPGYVCDPANPSNSVKASIQVQNILANQGYQTHGWDVDWAPENWGIPMPANSLTEAVPFLAYVDKALNSCS
PTTIEPINSKTQEFPCGTPLHADKVIVLTHDFLFEDGKRGMGATQNLPKLAEFIRIAKEAGYVFDTMDNYTPRWSVGKTY
QAGEYVLYQGVVYKAVISHTAQQDWAPSSTSSLWTNADPATNWTLNVSYEQGDIVNYKGKRYLVSVPHVSQQDWTPDTQN
TLFTALELRRQWSHPQFEK
;
_entity_poly.pdbx_strand_id   A,B
#
loop_
_chem_comp.id
_chem_comp.type
_chem_comp.name
_chem_comp.formula
EDO non-polymer 1,2-ETHANEDIOL 'C2 H6 O2'
MG non-polymer 'MAGNESIUM ION' 'Mg 2'
NAG D-saccharide, beta linking 2-acetamido-2-deoxy-beta-D-glucopyranose 'C8 H15 N O6'
ZN non-polymer 'ZINC ION' 'Zn 2'
#
# COMPACT_ATOMS: atom_id res chain seq x y z
C THR A 4 22.09 -25.54 16.77
N PRO A 5 21.67 -24.39 16.23
CA PRO A 5 22.43 -23.14 16.27
C PRO A 5 22.37 -22.45 17.62
N LYS A 6 23.44 -21.74 17.96
CA LYS A 6 23.48 -21.01 19.22
C LYS A 6 22.37 -19.95 19.20
N GLY A 7 22.09 -19.43 18.02
CA GLY A 7 21.06 -18.41 17.88
C GLY A 7 21.07 -17.82 16.49
N THR A 8 20.16 -16.87 16.27
CA THR A 8 20.03 -16.21 14.98
C THR A 8 20.36 -14.72 15.11
N ILE A 9 21.29 -14.27 14.28
CA ILE A 9 21.62 -12.86 14.19
C ILE A 9 20.95 -12.22 13.00
N TYR A 10 20.31 -11.07 13.21
CA TYR A 10 19.75 -10.27 12.13
C TYR A 10 20.56 -8.99 11.97
N LEU A 11 21.34 -8.90 10.91
CA LEU A 11 22.10 -7.69 10.60
C LEU A 11 21.18 -6.74 9.94
N THR A 12 21.02 -5.55 10.51
CA THR A 12 20.19 -4.52 9.91
C THR A 12 21.01 -3.26 9.74
N PHE A 13 21.02 -2.77 8.52
CA PHE A 13 21.74 -1.55 8.15
C PHE A 13 20.76 -0.43 7.89
N SER A 14 20.95 0.72 8.55
CA SER A 14 20.07 1.87 8.38
C SER A 14 20.70 3.07 7.67
N ASP A 15 19.85 3.83 6.98
CA ASP A 15 20.15 5.18 6.46
C ASP A 15 20.78 5.15 5.08
N GLY A 16 20.90 3.98 4.47
CA GLY A 16 21.27 3.93 3.06
C GLY A 16 20.09 4.30 2.18
N PRO A 17 20.22 4.15 0.85
CA PRO A 17 21.40 3.70 0.12
C PRO A 17 22.36 4.83 -0.17
N VAL A 18 23.64 4.64 0.12
CA VAL A 18 24.68 5.61 -0.17
C VAL A 18 25.83 4.88 -0.83
N ASN A 19 26.86 5.61 -1.22
CA ASN A 19 27.98 4.98 -1.93
C ASN A 19 28.62 3.84 -1.14
N ALA A 20 28.79 4.05 0.16
CA ALA A 20 29.46 3.08 1.00
C ALA A 20 28.64 1.79 1.08
N SER A 21 27.35 1.87 0.78
CA SER A 21 26.50 0.69 0.83
C SER A 21 27.02 -0.42 -0.10
N VAL A 22 27.61 -0.03 -1.23
CA VAL A 22 28.03 -1.01 -2.24
C VAL A 22 29.01 -2.02 -1.63
N GLU A 23 30.06 -1.52 -0.97
CA GLU A 23 31.07 -2.42 -0.42
C GLU A 23 30.55 -3.21 0.78
N VAL A 24 29.65 -2.64 1.55
CA VAL A 24 29.01 -3.39 2.60
C VAL A 24 28.30 -4.59 1.99
N ILE A 25 27.52 -4.35 0.93
CA ILE A 25 26.82 -5.45 0.27
C ILE A 25 27.79 -6.52 -0.23
N LYS A 26 28.90 -6.10 -0.86
CA LYS A 26 29.90 -7.06 -1.33
C LYS A 26 30.45 -7.90 -0.18
N VAL A 27 30.71 -7.28 0.94
CA VAL A 27 31.19 -8.04 2.09
C VAL A 27 30.17 -9.06 2.56
N LEU A 28 28.90 -8.68 2.65
CA LEU A 28 27.85 -9.63 3.05
C LEU A 28 27.81 -10.81 2.11
N ASN A 29 27.94 -10.51 0.82
CA ASN A 29 27.84 -11.54 -0.21
C ASN A 29 29.02 -12.50 -0.12
N GLN A 30 30.21 -11.95 0.08
CA GLN A 30 31.40 -12.76 0.28
C GLN A 30 31.30 -13.59 1.55
N GLY A 31 30.65 -13.05 2.57
CA GLY A 31 30.48 -13.78 3.82
C GLY A 31 29.36 -14.82 3.77
N GLY A 32 28.61 -14.88 2.67
CA GLY A 32 27.52 -15.85 2.55
C GLY A 32 26.37 -15.62 3.51
N VAL A 33 25.95 -14.36 3.65
CA VAL A 33 24.79 -14.03 4.46
C VAL A 33 23.89 -13.01 3.79
N LYS A 34 22.62 -12.95 4.23
CA LYS A 34 21.69 -11.87 3.84
C LYS A 34 21.43 -10.95 5.02
N ALA A 35 21.25 -9.67 4.73
CA ALA A 35 20.94 -8.65 5.73
C ALA A 35 19.69 -7.91 5.31
N THR A 36 19.25 -7.03 6.18
CA THR A 36 18.05 -6.22 5.94
C THR A 36 18.52 -4.78 5.94
N PHE A 37 18.12 -4.06 4.88
CA PHE A 37 18.45 -2.63 4.73
C PHE A 37 17.24 -1.75 4.91
N TYR A 38 17.31 -0.81 5.84
CA TYR A 38 16.22 0.12 6.06
C TYR A 38 16.64 1.43 5.43
N PHE A 39 16.07 1.71 4.25
CA PHE A 39 16.52 2.78 3.36
C PHE A 39 15.72 4.08 3.51
N ASN A 40 16.42 5.18 3.20
CA ASN A 40 15.82 6.48 3.07
C ASN A 40 16.06 6.94 1.66
N ALA A 41 15.00 7.10 0.89
CA ALA A 41 15.13 7.31 -0.54
C ALA A 41 15.63 8.71 -0.93
N TRP A 42 15.74 9.62 0.02
CA TRP A 42 16.16 10.98 -0.34
C TRP A 42 17.58 10.97 -0.88
N HIS A 43 18.33 9.91 -0.58
CA HIS A 43 19.70 9.79 -1.11
C HIS A 43 19.64 9.55 -2.61
N LEU A 44 18.53 9.00 -3.09
CA LEU A 44 18.39 8.80 -4.54
C LEU A 44 18.20 10.14 -5.23
N ASP A 45 17.54 11.08 -4.55
CA ASP A 45 17.34 12.45 -5.06
C ASP A 45 18.56 13.35 -4.98
N GLY A 46 19.62 12.86 -4.34
CA GLY A 46 20.87 13.60 -4.24
C GLY A 46 20.87 14.70 -3.19
N ILE A 47 19.95 14.63 -2.22
CA ILE A 47 19.80 15.73 -1.25
C ILE A 47 20.04 15.30 0.18
N GLY A 48 20.58 14.10 0.36
CA GLY A 48 20.74 13.55 1.70
C GLY A 48 22.09 13.85 2.34
N ASP A 49 22.87 14.73 1.73
CA ASP A 49 24.15 15.21 2.27
C ASP A 49 25.16 14.10 2.57
N GLU A 50 25.23 13.11 1.67
CA GLU A 50 26.24 12.07 1.73
C GLU A 50 26.82 11.87 0.32
N ASN A 51 27.90 11.12 0.24
CA ASN A 51 28.35 10.61 -1.05
C ASN A 51 27.35 9.58 -1.53
N GLU A 52 26.55 9.97 -2.49
CA GLU A 52 25.37 9.17 -2.84
C GLU A 52 25.04 9.17 -4.33
N ASP A 53 26.02 9.47 -5.17
CA ASP A 53 25.82 9.37 -6.61
C ASP A 53 25.65 7.90 -7.05
N ARG A 54 26.06 6.96 -6.20
CA ARG A 54 25.91 5.53 -6.50
C ARG A 54 24.72 4.93 -5.74
N ALA A 55 23.82 5.79 -5.27
CA ALA A 55 22.66 5.34 -4.50
C ALA A 55 21.81 4.28 -5.23
N LEU A 56 21.48 4.52 -6.49
CA LEU A 56 20.62 3.62 -7.25
C LEU A 56 21.34 2.30 -7.51
N GLU A 57 22.63 2.40 -7.84
CA GLU A 57 23.48 1.23 -8.02
C GLU A 57 23.46 0.34 -6.76
N ALA A 58 23.57 0.97 -5.58
CA ALA A 58 23.49 0.28 -4.29
C ALA A 58 22.14 -0.39 -4.09
N LEU A 59 21.08 0.38 -4.32
CA LEU A 59 19.74 -0.18 -4.22
C LEU A 59 19.61 -1.44 -5.10
N LYS A 60 20.00 -1.34 -6.37
CA LYS A 60 19.84 -2.49 -7.26
C LYS A 60 20.69 -3.67 -6.79
N LEU A 61 21.89 -3.38 -6.29
CA LEU A 61 22.82 -4.42 -5.94
C LEU A 61 22.28 -5.18 -4.72
N ALA A 62 21.69 -4.44 -3.78
CA ALA A 62 21.11 -5.06 -2.59
C ALA A 62 19.97 -6.02 -2.97
N LEU A 63 19.10 -5.57 -3.85
CA LEU A 63 18.00 -6.41 -4.27
C LEU A 63 18.45 -7.55 -5.18
N ASP A 64 19.38 -7.28 -6.09
CA ASP A 64 19.84 -8.32 -6.98
C ASP A 64 20.52 -9.40 -6.16
N SER A 65 21.13 -9.00 -5.05
CA SER A 65 21.90 -9.91 -4.21
C SER A 65 21.02 -10.65 -3.22
N GLY A 66 19.74 -10.29 -3.15
CA GLY A 66 18.81 -11.03 -2.31
C GLY A 66 18.64 -10.48 -0.89
N HIS A 67 19.17 -9.29 -0.63
CA HIS A 67 18.98 -8.66 0.68
C HIS A 67 17.58 -8.06 0.78
N ILE A 68 17.06 -7.94 2.00
CA ILE A 68 15.72 -7.47 2.19
C ILE A 68 15.76 -5.95 2.29
N VAL A 69 14.87 -5.27 1.58
CA VAL A 69 14.75 -3.80 1.74
C VAL A 69 13.51 -3.44 2.54
N GLY A 70 13.71 -2.67 3.60
CA GLY A 70 12.62 -2.16 4.42
C GLY A 70 12.61 -0.63 4.41
N ASN A 71 11.61 -0.07 5.05
CA ASN A 71 11.27 1.35 4.98
C ASN A 71 11.70 2.11 6.24
N HIS A 72 12.58 3.11 6.07
CA HIS A 72 13.07 3.89 7.17
C HIS A 72 12.59 5.35 7.09
N SER A 73 11.58 5.58 6.24
CA SER A 73 11.01 6.90 5.90
C SER A 73 11.84 7.59 4.80
N TYR A 74 11.22 8.55 4.10
CA TYR A 74 11.86 9.20 2.96
C TYR A 74 13.09 10.04 3.32
N ASP A 75 13.00 10.83 4.39
CA ASP A 75 14.03 11.85 4.65
C ASP A 75 14.62 11.75 6.03
N HIS A 76 14.30 10.66 6.73
CA HIS A 76 14.81 10.44 8.07
C HIS A 76 14.30 11.51 9.05
N MET A 77 13.14 12.07 8.73
CA MET A 77 12.46 13.07 9.56
C MET A 77 13.23 14.39 9.58
N ILE A 78 14.18 14.58 8.66
CA ILE A 78 14.96 15.83 8.63
C ILE A 78 14.03 17.06 8.48
N HIS A 79 12.83 16.86 7.91
CA HIS A 79 11.88 17.94 7.75
C HIS A 79 11.45 18.53 9.09
N ASN A 80 11.61 17.77 10.16
CA ASN A 80 11.35 18.26 11.51
C ASN A 80 12.56 18.92 12.19
N CYS A 81 13.68 18.94 11.49
CA CYS A 81 14.94 19.48 12.02
C CYS A 81 15.22 20.88 11.49
N VAL A 82 14.49 21.27 10.45
CA VAL A 82 14.67 22.56 9.78
C VAL A 82 13.35 23.30 9.65
N GLU A 83 13.41 24.59 9.34
CA GLU A 83 12.22 25.41 9.21
C GLU A 83 11.48 25.07 7.91
N GLU A 84 12.20 24.98 6.79
CA GLU A 84 11.61 24.62 5.50
C GLU A 84 12.45 23.53 4.85
N PHE A 85 11.80 22.43 4.48
CA PHE A 85 12.54 21.30 3.90
C PHE A 85 12.89 21.55 2.46
N GLY A 86 14.17 21.36 2.13
CA GLY A 86 14.66 21.55 0.76
C GLY A 86 15.99 20.84 0.58
N PRO A 87 16.61 20.98 -0.61
CA PRO A 87 17.86 20.33 -1.02
C PRO A 87 19.03 20.45 -0.03
N THR A 88 19.01 21.48 0.82
CA THR A 88 20.13 21.70 1.76
C THR A 88 19.78 21.25 3.17
N SER A 89 18.56 20.79 3.38
CA SER A 89 18.10 20.54 4.75
C SER A 89 18.95 19.47 5.42
N GLY A 90 19.39 18.46 4.67
CA GLY A 90 20.26 17.44 5.25
C GLY A 90 21.56 18.06 5.72
N ALA A 91 22.11 18.94 4.89
CA ALA A 91 23.34 19.63 5.26
C ALA A 91 23.10 20.58 6.44
N ASP A 92 21.97 21.29 6.41
CA ASP A 92 21.64 22.22 7.49
C ASP A 92 21.56 21.49 8.83
N CYS A 93 20.87 20.35 8.86
CA CYS A 93 20.70 19.61 10.12
C CYS A 93 22.04 19.02 10.54
N ASN A 94 22.87 18.67 9.56
CA ASN A 94 24.20 18.16 9.89
C ASN A 94 25.05 19.26 10.53
N ALA A 95 24.80 20.50 10.15
CA ALA A 95 25.52 21.65 10.70
C ALA A 95 25.15 21.85 12.16
N THR A 96 23.86 21.73 12.47
CA THR A 96 23.39 21.95 13.84
C THR A 96 23.52 20.71 14.73
N GLY A 97 23.48 19.52 14.13
CA GLY A 97 23.47 18.28 14.90
C GLY A 97 22.16 18.00 15.66
N ASN A 98 21.06 18.63 15.25
CA ASN A 98 19.79 18.57 15.99
C ASN A 98 18.81 17.44 15.61
N HIS A 99 19.33 16.38 15.02
CA HIS A 99 18.54 15.27 14.53
C HIS A 99 17.54 14.66 15.54
N GLN A 100 17.94 14.56 16.81
CA GLN A 100 17.06 13.97 17.82
C GLN A 100 16.29 14.99 18.65
N ILE A 101 16.28 16.25 18.22
CA ILE A 101 15.46 17.27 18.85
C ILE A 101 14.25 17.55 17.96
N HIS A 102 13.04 17.43 18.51
CA HIS A 102 11.81 17.67 17.74
C HIS A 102 11.68 16.72 16.56
N SER A 103 12.30 15.55 16.65
CA SER A 103 12.37 14.63 15.50
C SER A 103 10.99 14.24 14.98
N TYR A 104 10.01 14.11 15.88
CA TYR A 104 8.65 13.82 15.47
C TYR A 104 7.74 14.95 15.91
N GLN A 105 6.87 15.41 15.01
CA GLN A 105 5.98 16.54 15.33
C GLN A 105 4.52 16.25 15.01
N ASP A 106 4.14 16.36 13.75
CA ASP A 106 2.81 15.96 13.28
C ASP A 106 2.89 14.49 12.84
N PRO A 107 2.31 13.58 13.62
CA PRO A 107 2.46 12.15 13.30
C PRO A 107 1.89 11.75 11.94
N VAL A 108 0.84 12.45 11.49
CA VAL A 108 0.24 12.14 10.19
C VAL A 108 1.23 12.46 9.05
N ARG A 109 1.80 13.66 9.08
CA ARG A 109 2.85 14.00 8.13
C ARG A 109 4.03 13.06 8.25
N ASP A 110 4.43 12.67 9.49
CA ASP A 110 5.63 11.85 9.66
C ASP A 110 5.42 10.42 9.17
N ALA A 111 4.23 9.89 9.38
CA ALA A 111 3.89 8.60 8.85
C ALA A 111 3.83 8.62 7.34
N ALA A 112 3.33 9.73 6.78
CA ALA A 112 3.24 9.86 5.33
C ALA A 112 4.62 9.79 4.68
N SER A 113 5.64 10.16 5.44
CA SER A 113 7.02 10.13 4.95
C SER A 113 7.44 8.71 4.58
N PHE A 114 6.79 7.71 5.20
CA PHE A 114 7.10 6.32 4.91
C PHE A 114 6.45 5.92 3.62
N GLU A 115 5.35 6.58 3.25
CA GLU A 115 4.69 6.25 1.97
C GLU A 115 5.40 6.95 0.82
N GLN A 116 5.82 8.18 1.07
CA GLN A 116 6.59 8.93 0.10
C GLN A 116 7.87 8.18 -0.23
N ASN A 117 8.44 7.52 0.76
CA ASN A 117 9.68 6.76 0.55
C ASN A 117 9.44 5.71 -0.55
N LEU A 118 8.30 5.02 -0.44
CA LEU A 118 7.96 3.98 -1.40
C LEU A 118 7.77 4.57 -2.77
N ILE A 119 7.10 5.71 -2.87
CA ILE A 119 6.93 6.41 -4.15
C ILE A 119 8.29 6.67 -4.79
N THR A 120 9.20 7.22 -4.02
CA THR A 120 10.50 7.56 -4.57
C THR A 120 11.31 6.31 -4.95
N LEU A 121 11.24 5.26 -4.15
CA LEU A 121 11.96 4.05 -4.53
C LEU A 121 11.42 3.49 -5.85
N GLU A 122 10.10 3.50 -5.99
CA GLU A 122 9.47 2.92 -7.17
C GLU A 122 9.60 3.83 -8.37
N LYS A 123 10.02 5.08 -8.14
CA LYS A 123 10.34 6.00 -9.24
C LYS A 123 11.73 5.68 -9.85
N TYR A 124 12.72 5.53 -8.98
CA TYR A 124 14.11 5.34 -9.39
C TYR A 124 14.37 3.93 -9.84
N LEU A 125 13.60 3.00 -9.29
CA LEU A 125 13.65 1.61 -9.72
C LEU A 125 12.24 1.09 -10.01
N PRO A 126 11.72 1.38 -11.22
CA PRO A 126 10.32 1.05 -11.51
C PRO A 126 10.00 -0.44 -11.43
N THR A 127 11.03 -1.29 -11.42
CA THR A 127 10.79 -2.73 -11.40
C THR A 127 10.86 -3.29 -10.00
N ILE A 128 11.02 -2.41 -9.02
CA ILE A 128 11.30 -2.84 -7.66
C ILE A 128 10.27 -3.87 -7.13
N ARG A 129 9.01 -3.73 -7.50
CA ARG A 129 8.01 -4.67 -7.00
C ARG A 129 8.08 -6.07 -7.59
N SER A 130 8.86 -6.24 -8.64
CA SER A 130 9.07 -7.58 -9.20
C SER A 130 10.13 -8.32 -8.37
N TYR A 131 10.68 -7.65 -7.35
CA TYR A 131 11.59 -8.35 -6.41
C TYR A 131 10.86 -8.78 -5.12
N PRO A 132 10.80 -10.09 -4.84
CA PRO A 132 10.13 -10.55 -3.61
C PRO A 132 10.80 -10.02 -2.35
N ASN A 133 12.10 -9.75 -2.44
CA ASN A 133 12.87 -9.25 -1.30
C ASN A 133 12.69 -7.75 -1.02
N TYR A 134 11.92 -7.07 -1.86
CA TYR A 134 11.47 -5.71 -1.58
C TYR A 134 10.32 -5.77 -0.58
N LYS A 135 10.53 -5.27 0.63
CA LYS A 135 9.55 -5.39 1.69
C LYS A 135 9.21 -4.02 2.25
N GLY A 136 9.39 -3.01 1.41
CA GLY A 136 9.26 -1.62 1.82
C GLY A 136 7.87 -1.27 2.29
N TYR A 137 6.87 -2.05 1.87
CA TYR A 137 5.48 -1.81 2.27
C TYR A 137 5.06 -2.75 3.40
N GLU A 138 5.95 -3.65 3.84
CA GLU A 138 5.64 -4.51 4.99
C GLU A 138 6.49 -4.29 6.24
N LEU A 139 7.76 -3.92 6.06
CA LEU A 139 8.72 -3.85 7.16
C LEU A 139 9.27 -2.46 7.30
N ALA A 140 9.27 -1.92 8.53
CA ALA A 140 9.73 -0.57 8.76
C ALA A 140 10.49 -0.43 10.04
N ARG A 141 11.20 0.68 10.14
CA ARG A 141 11.82 1.07 11.41
C ARG A 141 11.82 2.60 11.52
N LEU A 142 11.48 3.12 12.69
CA LEU A 142 11.44 4.56 12.85
C LEU A 142 12.82 5.15 13.10
N PRO A 143 13.17 6.24 12.39
CA PRO A 143 14.37 7.00 12.72
C PRO A 143 14.53 7.30 14.20
N TYR A 144 15.75 7.05 14.70
CA TYR A 144 16.21 7.36 16.06
C TYR A 144 15.67 6.43 17.14
N THR A 145 14.71 5.57 16.78
CA THR A 145 13.82 5.01 17.79
C THR A 145 13.81 3.51 17.94
N ASN A 146 14.13 3.02 19.15
CA ASN A 146 14.08 1.59 19.40
C ASN A 146 12.66 1.17 19.72
N GLY A 147 11.82 1.12 18.70
CA GLY A 147 10.40 0.83 18.87
C GLY A 147 9.94 -0.36 18.05
N TRP A 148 8.95 -1.07 18.56
CA TRP A 148 8.52 -2.37 18.06
C TRP A 148 7.00 -2.42 17.88
N ARG A 149 6.55 -2.84 16.70
CA ARG A 149 5.16 -3.29 16.50
C ARG A 149 5.27 -4.63 15.80
N VAL A 150 5.22 -5.73 16.56
CA VAL A 150 5.46 -7.03 15.98
C VAL A 150 4.22 -7.88 15.98
N THR A 151 3.55 -7.98 17.11
CA THR A 151 2.28 -8.70 17.19
C THR A 151 1.38 -7.88 18.09
N LYS A 152 0.14 -8.34 18.20
CA LYS A 152 -0.83 -7.73 19.07
C LYS A 152 -0.31 -7.61 20.51
N HIS A 153 0.49 -8.57 20.96
CA HIS A 153 1.01 -8.56 22.33
C HIS A 153 2.53 -8.32 22.44
N PHE A 154 3.14 -7.93 21.32
CA PHE A 154 4.58 -7.64 21.26
C PHE A 154 4.69 -6.27 20.60
N GLN A 155 4.58 -5.25 21.45
CA GLN A 155 4.65 -3.87 21.00
C GLN A 155 5.31 -3.13 22.13
N ALA A 156 6.19 -2.19 21.81
CA ALA A 156 6.80 -1.37 22.86
C ALA A 156 7.54 -0.24 22.21
N ASP A 157 7.67 0.87 22.92
CA ASP A 157 8.27 2.07 22.37
C ASP A 157 9.60 2.46 23.00
N GLY A 158 10.31 3.31 22.29
CA GLY A 158 11.53 3.89 22.81
C GLY A 158 11.20 5.21 23.47
N LEU A 159 11.02 5.17 24.79
CA LEU A 159 10.38 6.27 25.48
C LEU A 159 11.31 7.50 25.71
N CYS A 160 12.60 7.33 25.45
CA CYS A 160 13.55 8.45 25.50
C CYS A 160 14.27 8.64 24.18
N ALA A 161 13.69 8.13 23.10
CA ALA A 161 14.43 8.10 21.83
C ALA A 161 14.74 9.49 21.31
N THR A 162 13.82 10.43 21.51
CA THR A 162 13.95 11.77 20.94
C THR A 162 13.50 12.82 21.99
N SER A 163 13.95 14.06 21.80
CA SER A 163 13.93 15.10 22.83
C SER A 163 13.23 16.36 22.35
N ASP A 164 12.74 17.15 23.32
CA ASP A 164 12.11 18.44 23.03
C ASP A 164 13.05 19.61 23.32
N ASN A 165 14.29 19.33 23.71
CA ASN A 165 15.26 20.42 23.94
C ASN A 165 16.74 20.02 23.87
N LEU A 166 17.19 19.22 24.83
CA LEU A 166 18.60 18.85 24.94
C LEU A 166 18.90 17.50 24.30
N LYS A 167 20.12 17.32 23.82
CA LYS A 167 20.56 16.04 23.30
C LYS A 167 20.92 15.13 24.47
N PRO A 168 20.80 13.80 24.29
CA PRO A 168 20.97 12.87 25.42
C PRO A 168 22.37 12.84 26.04
N TRP A 169 23.36 13.35 25.32
CA TRP A 169 24.73 13.36 25.82
C TRP A 169 25.07 14.72 26.40
N GLU A 170 24.18 15.70 26.22
CA GLU A 170 24.35 17.01 26.83
C GLU A 170 24.10 17.00 28.34
N PRO A 171 24.82 17.87 29.08
CA PRO A 171 24.57 17.97 30.52
C PRO A 171 23.16 18.48 30.78
N GLY A 172 22.54 18.00 31.86
CA GLY A 172 21.22 18.47 32.22
C GLY A 172 20.08 17.77 31.48
N TYR A 173 20.41 16.91 30.51
CA TYR A 173 19.38 16.16 29.80
C TYR A 173 18.70 15.22 30.76
N VAL A 174 17.38 15.17 30.70
CA VAL A 174 16.58 14.32 31.57
C VAL A 174 15.47 13.68 30.74
N CYS A 175 15.21 12.41 30.98
CA CYS A 175 14.10 11.72 30.38
C CYS A 175 13.32 11.02 31.47
N ASP A 176 12.00 11.17 31.43
CA ASP A 176 11.09 10.44 32.29
C ASP A 176 10.22 9.51 31.43
N PRO A 177 10.58 8.21 31.37
CA PRO A 177 9.81 7.22 30.59
C PRO A 177 8.30 7.27 30.87
N ALA A 178 7.93 7.66 32.09
CA ALA A 178 6.52 7.69 32.49
C ALA A 178 5.85 8.93 31.96
N ASN A 179 6.65 9.91 31.56
CA ASN A 179 6.18 11.13 30.90
C ASN A 179 7.04 11.49 29.68
N PRO A 180 6.86 10.76 28.58
CA PRO A 180 7.74 10.94 27.42
C PRO A 180 7.66 12.36 26.87
N SER A 181 8.72 12.75 26.17
CA SER A 181 8.78 14.02 25.48
C SER A 181 7.68 14.10 24.43
N ASN A 182 7.34 15.32 24.00
CA ASN A 182 6.43 15.50 22.88
C ASN A 182 6.85 14.76 21.61
N SER A 183 8.14 14.82 21.29
CA SER A 183 8.61 14.10 20.11
C SER A 183 8.35 12.57 20.23
N VAL A 184 8.64 11.98 21.39
CA VAL A 184 8.39 10.57 21.58
C VAL A 184 6.93 10.24 21.48
N LYS A 185 6.08 11.10 22.04
CA LYS A 185 4.65 10.84 21.97
C LYS A 185 4.21 10.81 20.51
N ALA A 186 4.75 11.72 19.69
CA ALA A 186 4.37 11.73 18.28
C ALA A 186 4.89 10.47 17.59
N SER A 187 6.11 10.06 17.96
CA SER A 187 6.66 8.85 17.37
C SER A 187 5.78 7.64 17.69
N ILE A 188 5.16 7.63 18.86
CA ILE A 188 4.27 6.51 19.20
C ILE A 188 3.07 6.50 18.29
N GLN A 189 2.50 7.68 18.04
CA GLN A 189 1.40 7.74 17.09
C GLN A 189 1.82 7.30 15.66
N VAL A 190 3.01 7.68 15.23
CA VAL A 190 3.50 7.22 13.93
C VAL A 190 3.50 5.68 13.88
N GLN A 191 3.99 5.06 14.95
CA GLN A 191 4.04 3.59 15.05
C GLN A 191 2.67 3.05 14.79
N ASN A 192 1.68 3.66 15.44
CA ASN A 192 0.34 3.14 15.35
C ASN A 192 -0.27 3.33 13.96
N ILE A 193 0.01 4.45 13.31
CA ILE A 193 -0.48 4.67 11.97
C ILE A 193 0.12 3.65 11.00
N LEU A 194 1.41 3.33 11.17
CA LEU A 194 2.06 2.37 10.29
C LEU A 194 1.48 1.00 10.52
N ALA A 195 1.24 0.65 11.77
CA ALA A 195 0.70 -0.68 12.07
C ALA A 195 -0.68 -0.85 11.41
N ASN A 196 -1.49 0.19 11.41
CA ASN A 196 -2.77 0.10 10.75
C ASN A 196 -2.64 0.05 9.23
N GLN A 197 -1.46 0.36 8.70
CA GLN A 197 -1.19 0.18 7.28
C GLN A 197 -0.59 -1.20 7.00
N GLY A 198 -0.51 -2.05 8.03
CA GLY A 198 -0.01 -3.41 7.86
C GLY A 198 1.49 -3.56 8.08
N TYR A 199 2.15 -2.48 8.48
CA TYR A 199 3.57 -2.57 8.75
C TYR A 199 3.85 -3.34 10.03
N GLN A 200 4.95 -4.11 10.06
CA GLN A 200 5.58 -4.44 11.33
C GLN A 200 6.72 -3.43 11.52
N THR A 201 7.03 -3.04 12.75
CA THR A 201 8.28 -2.29 12.99
C THR A 201 9.13 -3.01 14.03
N HIS A 202 10.46 -2.96 13.85
CA HIS A 202 11.40 -3.63 14.76
C HIS A 202 12.50 -2.65 15.16
N GLY A 203 12.99 -2.80 16.39
CA GLY A 203 14.09 -2.00 16.86
C GLY A 203 15.35 -2.86 16.82
N TRP A 204 16.14 -2.84 17.89
CA TRP A 204 17.40 -3.60 17.90
C TRP A 204 17.81 -4.02 19.30
N ASP A 205 18.72 -4.98 19.35
CA ASP A 205 19.29 -5.49 20.59
C ASP A 205 20.64 -4.82 20.87
N VAL A 206 21.47 -4.72 19.83
CA VAL A 206 22.81 -4.16 19.91
C VAL A 206 23.04 -3.23 18.71
N ASP A 207 23.89 -2.24 18.89
CA ASP A 207 24.10 -1.22 17.89
C ASP A 207 25.60 -1.21 17.66
N TRP A 208 26.03 -1.39 16.43
CA TRP A 208 27.44 -1.33 16.12
C TRP A 208 27.75 0.11 15.75
N ALA A 209 28.14 0.85 16.78
CA ALA A 209 28.22 2.30 16.74
C ALA A 209 29.26 2.79 17.75
N PRO A 210 29.60 4.08 17.71
CA PRO A 210 30.34 4.70 18.82
C PRO A 210 29.51 4.75 20.11
N GLU A 211 30.15 5.04 21.25
CA GLU A 211 29.45 5.05 22.55
C GLU A 211 28.13 5.84 22.45
N ASN A 212 28.23 7.07 21.94
CA ASN A 212 27.07 7.89 21.58
C ASN A 212 27.40 8.77 20.35
N TRP A 213 26.42 9.47 19.82
CA TRP A 213 26.67 10.22 18.59
C TRP A 213 27.15 11.66 18.82
N GLY A 214 27.24 12.08 20.08
CA GLY A 214 28.03 13.26 20.40
C GLY A 214 29.51 12.97 20.13
N ILE A 215 29.88 11.70 20.06
CA ILE A 215 31.27 11.29 19.84
C ILE A 215 31.84 11.87 18.53
N PRO A 216 33.03 12.52 18.57
CA PRO A 216 33.67 12.98 17.33
C PRO A 216 34.23 11.85 16.46
N MET A 217 34.30 12.06 15.14
CA MET A 217 34.88 11.07 14.19
C MET A 217 34.42 9.66 14.46
N PRO A 218 33.09 9.47 14.51
CA PRO A 218 32.44 8.24 14.97
C PRO A 218 32.87 6.96 14.24
N ALA A 219 33.21 7.05 12.96
CA ALA A 219 33.55 5.84 12.20
C ALA A 219 34.81 5.18 12.77
N ASN A 220 35.59 5.93 13.55
CA ASN A 220 36.86 5.44 14.08
C ASN A 220 36.70 4.81 15.45
N SER A 221 35.47 4.75 15.95
CA SER A 221 35.23 4.28 17.30
C SER A 221 34.26 3.09 17.32
N LEU A 222 34.33 2.23 16.30
CA LEU A 222 33.56 0.99 16.33
C LEU A 222 34.30 -0.14 17.06
N THR A 223 33.55 -0.90 17.84
CA THR A 223 34.09 -2.06 18.51
C THR A 223 34.66 -3.08 17.51
N GLU A 224 35.76 -3.73 17.88
CA GLU A 224 36.36 -4.75 17.03
C GLU A 224 35.48 -5.99 16.95
N ALA A 225 35.74 -6.84 15.96
CA ALA A 225 34.89 -8.02 15.70
C ALA A 225 34.70 -8.92 16.91
N VAL A 226 35.81 -9.32 17.54
CA VAL A 226 35.77 -10.27 18.65
C VAL A 226 35.01 -9.71 19.86
N PRO A 227 35.36 -8.50 20.32
CA PRO A 227 34.55 -7.95 21.40
C PRO A 227 33.11 -7.71 21.00
N PHE A 228 32.86 -7.33 19.75
CA PHE A 228 31.47 -7.18 19.31
C PHE A 228 30.71 -8.49 19.41
N LEU A 229 31.38 -9.62 19.11
CA LEU A 229 30.73 -10.92 19.20
C LEU A 229 30.46 -11.25 20.66
N ALA A 230 31.33 -10.76 21.55
CA ALA A 230 31.13 -11.01 22.96
C ALA A 230 29.89 -10.28 23.41
N TYR A 231 29.73 -9.07 22.88
CA TYR A 231 28.59 -8.23 23.23
C TYR A 231 27.30 -8.87 22.73
N VAL A 232 27.37 -9.47 21.55
CA VAL A 232 26.29 -10.24 20.99
C VAL A 232 25.95 -11.41 21.88
N ASP A 233 26.98 -12.12 22.37
CA ASP A 233 26.77 -13.24 23.26
C ASP A 233 26.06 -12.82 24.51
N LYS A 234 26.41 -11.65 25.01
CA LYS A 234 25.82 -11.14 26.24
C LYS A 234 24.36 -10.79 25.97
N ALA A 235 24.08 -10.22 24.80
CA ALA A 235 22.70 -9.81 24.43
C ALA A 235 21.73 -10.99 24.36
N LEU A 236 22.21 -12.13 23.89
CA LEU A 236 21.37 -13.29 23.62
C LEU A 236 20.56 -13.72 24.84
N ASN A 237 19.24 -13.69 24.70
CA ASN A 237 18.30 -14.07 25.77
C ASN A 237 18.43 -13.27 27.07
N SER A 238 18.86 -12.00 27.00
CA SER A 238 19.06 -11.19 28.21
C SER A 238 18.28 -9.88 28.15
N CYS A 239 17.30 -9.84 27.26
CA CYS A 239 16.40 -8.68 27.12
C CYS A 239 17.19 -7.38 26.90
N SER A 240 18.06 -7.41 25.90
CA SER A 240 19.01 -6.33 25.61
C SER A 240 18.39 -4.93 25.40
N PRO A 241 17.24 -4.85 24.72
CA PRO A 241 16.61 -3.53 24.57
C PRO A 241 16.34 -2.78 25.87
N THR A 242 16.12 -3.48 26.98
CA THR A 242 15.97 -2.81 28.29
C THR A 242 17.29 -2.43 28.96
N THR A 243 18.40 -3.10 28.63
CA THR A 243 19.67 -2.87 29.35
C THR A 243 20.67 -2.06 28.52
N ILE A 244 20.42 -1.98 27.22
CA ILE A 244 21.30 -1.29 26.30
C ILE A 244 21.55 0.18 26.70
N GLU A 245 22.77 0.65 26.48
CA GLU A 245 23.10 2.05 26.69
C GLU A 245 23.46 2.62 25.32
N PRO A 246 23.18 3.91 25.09
CA PRO A 246 22.64 4.88 26.05
C PRO A 246 21.10 4.84 26.21
N ILE A 247 20.60 5.77 27.01
CA ILE A 247 19.23 5.72 27.47
C ILE A 247 18.23 5.92 26.33
N ASN A 248 18.62 6.69 25.31
CA ASN A 248 17.71 6.93 24.19
C ASN A 248 17.62 5.75 23.21
N SER A 249 18.45 4.72 23.38
CA SER A 249 18.34 3.49 22.58
C SER A 249 17.53 2.41 23.30
N LYS A 250 17.02 2.72 24.48
CA LYS A 250 16.27 1.74 25.26
C LYS A 250 14.80 1.60 24.80
N THR A 251 14.31 0.39 24.95
CA THR A 251 12.90 0.06 24.84
C THR A 251 12.48 -0.42 26.23
N GLN A 252 11.95 0.48 27.05
CA GLN A 252 11.75 0.21 28.48
C GLN A 252 10.76 -0.91 28.81
N GLU A 253 9.67 -1.00 28.05
CA GLU A 253 8.63 -1.99 28.35
C GLU A 253 8.70 -3.15 27.37
N PHE A 254 9.89 -3.40 26.83
CA PHE A 254 10.05 -4.56 25.96
C PHE A 254 9.63 -5.81 26.74
N PRO A 255 8.79 -6.69 26.13
CA PRO A 255 8.31 -7.91 26.81
C PRO A 255 9.42 -8.96 26.97
N CYS A 256 10.18 -8.86 28.06
CA CYS A 256 11.29 -9.77 28.31
C CYS A 256 10.84 -11.23 28.25
N GLY A 257 11.61 -12.07 27.56
CA GLY A 257 11.30 -13.49 27.49
C GLY A 257 10.19 -13.82 26.51
N THR A 258 9.66 -12.82 25.81
CA THR A 258 8.62 -13.08 24.83
C THR A 258 9.16 -14.12 23.83
N PRO A 259 8.40 -15.19 23.59
CA PRO A 259 8.92 -16.32 22.82
C PRO A 259 9.45 -15.98 21.42
N LEU A 260 8.88 -14.98 20.77
CA LEU A 260 9.32 -14.64 19.42
C LEU A 260 10.74 -14.11 19.41
N HIS A 261 11.18 -13.54 20.54
CA HIS A 261 12.50 -12.97 20.59
C HIS A 261 13.55 -13.95 21.08
N ALA A 262 13.13 -15.17 21.49
CA ALA A 262 14.09 -16.16 22.01
C ALA A 262 15.21 -16.51 21.03
N ASP A 263 16.46 -16.53 21.51
CA ASP A 263 17.59 -17.00 20.74
C ASP A 263 17.88 -16.14 19.52
N LYS A 264 17.45 -14.88 19.58
CA LYS A 264 17.69 -13.93 18.50
C LYS A 264 18.40 -12.67 18.97
N VAL A 265 19.15 -12.05 18.06
CA VAL A 265 19.79 -10.78 18.34
C VAL A 265 19.73 -9.97 17.09
N ILE A 266 19.09 -8.81 17.19
CA ILE A 266 19.07 -7.87 16.08
C ILE A 266 20.14 -6.83 16.23
N VAL A 267 20.98 -6.74 15.20
CA VAL A 267 22.09 -5.82 15.16
C VAL A 267 21.74 -4.60 14.30
N LEU A 268 21.86 -3.41 14.88
CA LEU A 268 21.77 -2.17 14.14
C LEU A 268 23.15 -1.70 13.76
N THR A 269 23.34 -1.32 12.52
CA THR A 269 24.46 -0.45 12.21
C THR A 269 24.10 0.47 11.05
N HIS A 270 25.02 1.31 10.64
CA HIS A 270 24.75 2.28 9.56
C HIS A 270 25.74 2.15 8.43
N ASP A 271 25.22 2.14 7.21
CA ASP A 271 26.07 2.07 6.03
C ASP A 271 27.17 3.11 6.07
N PHE A 272 26.83 4.33 6.48
CA PHE A 272 27.79 5.43 6.43
C PHE A 272 29.00 5.28 7.37
N LEU A 273 28.95 4.33 8.29
CA LEU A 273 30.08 4.07 9.17
C LEU A 273 31.15 3.25 8.47
N PHE A 274 30.87 2.83 7.23
CA PHE A 274 31.81 1.97 6.47
C PHE A 274 32.40 2.74 5.30
N GLU A 275 32.51 4.06 5.48
CA GLU A 275 33.05 4.95 4.46
C GLU A 275 34.34 5.62 5.00
N ASP A 276 35.39 5.67 4.18
CA ASP A 276 36.50 6.58 4.47
C ASP A 276 36.14 8.02 4.06
N GLY A 277 35.96 8.89 5.05
CA GLY A 277 35.62 10.27 4.80
C GLY A 277 35.38 11.06 6.08
N LYS A 278 34.34 11.88 6.07
CA LYS A 278 34.18 12.91 7.09
C LYS A 278 33.88 12.38 8.49
N ARG A 279 33.62 11.08 8.61
CA ARG A 279 33.33 10.50 9.93
C ARG A 279 34.50 9.66 10.46
N GLY A 280 35.48 9.44 9.57
CA GLY A 280 36.66 8.67 9.89
C GLY A 280 37.03 7.71 8.76
N MET A 281 37.91 6.77 9.05
CA MET A 281 38.35 5.82 8.06
C MET A 281 37.46 4.57 8.14
N GLY A 282 36.18 4.71 7.79
CA GLY A 282 35.18 3.66 7.94
C GLY A 282 35.42 2.44 7.06
N ALA A 283 35.73 2.67 5.79
CA ALA A 283 35.90 1.57 4.86
C ALA A 283 37.16 0.79 5.21
N THR A 284 38.23 1.53 5.51
CA THR A 284 39.50 0.88 5.80
C THR A 284 39.43 0.10 7.09
N GLN A 285 38.82 0.69 8.10
CA GLN A 285 38.80 0.03 9.40
C GLN A 285 37.66 -0.92 9.63
N ASN A 286 36.46 -0.60 9.11
CA ASN A 286 35.25 -1.32 9.57
C ASN A 286 34.76 -2.42 8.66
N LEU A 287 35.03 -2.30 7.36
CA LEU A 287 34.67 -3.36 6.45
C LEU A 287 35.35 -4.69 6.84
N PRO A 288 36.64 -4.63 7.24
CA PRO A 288 37.23 -5.92 7.64
C PRO A 288 36.64 -6.43 8.95
N LYS A 289 36.15 -5.52 9.80
CA LYS A 289 35.50 -5.93 11.04
C LYS A 289 34.23 -6.68 10.75
N LEU A 290 33.48 -6.17 9.78
CA LEU A 290 32.23 -6.78 9.43
C LEU A 290 32.50 -8.15 8.84
N ALA A 291 33.51 -8.23 7.97
CA ALA A 291 33.87 -9.51 7.36
C ALA A 291 34.26 -10.55 8.42
N GLU A 292 35.13 -10.13 9.34
CA GLU A 292 35.62 -11.03 10.37
C GLU A 292 34.47 -11.44 11.30
N PHE A 293 33.63 -10.48 11.64
CA PHE A 293 32.52 -10.76 12.55
C PHE A 293 31.61 -11.88 12.05
N ILE A 294 31.18 -11.75 10.79
CA ILE A 294 30.37 -12.80 10.18
C ILE A 294 31.08 -14.14 10.30
N ARG A 295 32.36 -14.16 9.94
CA ARG A 295 33.13 -15.42 10.03
C ARG A 295 33.08 -16.05 11.43
N ILE A 296 33.47 -15.29 12.44
CA ILE A 296 33.57 -15.82 13.79
C ILE A 296 32.22 -16.01 14.45
N ALA A 297 31.22 -15.28 13.98
CA ALA A 297 29.87 -15.52 14.48
C ALA A 297 29.38 -16.90 13.99
N LYS A 298 29.60 -17.21 12.73
CA LYS A 298 29.26 -18.56 12.27
C LYS A 298 30.04 -19.67 13.04
N GLU A 299 31.33 -19.48 13.27
CA GLU A 299 32.14 -20.46 14.04
C GLU A 299 31.59 -20.65 15.42
N ALA A 300 31.11 -19.58 16.03
CA ALA A 300 30.51 -19.67 17.35
C ALA A 300 29.17 -20.43 17.29
N GLY A 301 28.68 -20.70 16.08
CA GLY A 301 27.42 -21.43 15.94
C GLY A 301 26.17 -20.56 15.71
N TYR A 302 26.36 -19.29 15.39
CA TYR A 302 25.22 -18.44 15.03
C TYR A 302 24.87 -18.60 13.55
N VAL A 303 23.61 -18.37 13.23
CA VAL A 303 23.21 -18.27 11.83
C VAL A 303 22.65 -16.87 11.61
N PHE A 304 22.70 -16.41 10.36
CA PHE A 304 22.22 -15.08 10.03
C PHE A 304 20.93 -15.13 9.24
N ASP A 305 19.99 -14.23 9.55
CA ASP A 305 18.74 -14.18 8.82
C ASP A 305 18.23 -12.76 8.62
N THR A 306 17.10 -12.64 7.94
CA THR A 306 16.54 -11.35 7.56
C THR A 306 15.18 -11.08 8.22
N MET A 307 14.76 -9.82 8.23
CA MET A 307 13.66 -9.41 9.09
C MET A 307 12.32 -9.85 8.54
N ASP A 308 12.28 -10.29 7.30
CA ASP A 308 11.06 -10.88 6.75
C ASP A 308 10.82 -12.24 7.35
N ASN A 309 11.83 -12.79 8.03
CA ASN A 309 11.70 -14.10 8.71
C ASN A 309 11.79 -14.02 10.21
N TYR A 310 11.93 -12.82 10.76
CA TYR A 310 12.02 -12.69 12.20
C TYR A 310 10.80 -13.33 12.86
N THR A 311 9.63 -13.05 12.31
CA THR A 311 8.42 -13.78 12.64
C THR A 311 8.40 -14.90 11.60
N PRO A 312 8.47 -16.17 12.05
CA PRO A 312 8.65 -17.26 11.11
C PRO A 312 7.47 -17.43 10.18
N ARG A 313 7.80 -17.62 8.92
CA ARG A 313 6.80 -17.92 7.90
C ARG A 313 6.01 -19.19 8.20
N TRP A 314 4.71 -19.12 7.95
CA TRP A 314 3.88 -20.30 8.06
C TRP A 314 4.38 -21.36 7.09
N SER A 315 4.49 -22.61 7.52
CA SER A 315 5.12 -23.62 6.68
C SER A 315 4.36 -24.94 6.75
N VAL A 316 3.98 -25.46 5.58
CA VAL A 316 3.22 -26.71 5.51
C VAL A 316 4.08 -27.83 6.02
N GLY A 317 3.53 -28.68 6.90
CA GLY A 317 4.28 -29.81 7.40
C GLY A 317 4.98 -29.50 8.70
N LYS A 318 4.80 -28.29 9.20
CA LYS A 318 5.38 -27.93 10.48
C LYS A 318 4.36 -28.06 11.60
N THR A 319 4.82 -28.50 12.75
CA THR A 319 3.95 -28.67 13.89
C THR A 319 4.05 -27.40 14.73
N TYR A 320 2.91 -26.80 15.02
CA TYR A 320 2.84 -25.61 15.87
C TYR A 320 2.17 -25.96 17.18
N GLN A 321 2.70 -25.43 18.29
CA GLN A 321 2.01 -25.48 19.57
C GLN A 321 1.03 -24.32 19.59
N ALA A 322 -0.06 -24.46 20.35
CA ALA A 322 -1.03 -23.39 20.51
C ALA A 322 -0.32 -22.16 21.08
N GLY A 323 -0.64 -20.99 20.53
CA GLY A 323 -0.09 -19.74 21.02
C GLY A 323 1.15 -19.30 20.27
N GLU A 324 1.70 -20.19 19.43
CA GLU A 324 2.83 -19.84 18.57
C GLU A 324 2.45 -18.83 17.46
N TYR A 325 3.40 -17.96 17.10
CA TYR A 325 3.14 -16.94 16.06
C TYR A 325 3.79 -17.31 14.74
N VAL A 326 3.10 -17.03 13.64
CA VAL A 326 3.70 -17.17 12.32
C VAL A 326 3.38 -15.92 11.53
N LEU A 327 4.17 -15.68 10.48
CA LEU A 327 3.87 -14.62 9.54
C LEU A 327 3.33 -15.25 8.27
N TYR A 328 2.24 -14.70 7.73
CA TYR A 328 1.70 -15.23 6.49
C TYR A 328 1.17 -14.10 5.60
N GLN A 329 1.77 -13.92 4.44
CA GLN A 329 1.41 -12.84 3.51
C GLN A 329 1.41 -11.50 4.22
N GLY A 330 2.45 -11.29 5.04
CA GLY A 330 2.64 -9.99 5.68
C GLY A 330 1.77 -9.74 6.91
N VAL A 331 0.99 -10.74 7.31
CA VAL A 331 0.09 -10.65 8.46
C VAL A 331 0.47 -11.67 9.52
N VAL A 332 0.44 -11.25 10.78
CA VAL A 332 0.83 -12.13 11.88
C VAL A 332 -0.36 -12.91 12.38
N TYR A 333 -0.14 -14.20 12.60
CA TYR A 333 -1.22 -15.06 13.08
C TYR A 333 -0.74 -15.89 14.28
N LYS A 334 -1.68 -16.27 15.12
CA LYS A 334 -1.42 -16.97 16.36
C LYS A 334 -2.21 -18.29 16.39
N ALA A 335 -1.54 -19.40 16.63
CA ALA A 335 -2.15 -20.74 16.58
C ALA A 335 -3.21 -20.92 17.66
N VAL A 336 -4.40 -21.37 17.28
CA VAL A 336 -5.49 -21.57 18.25
C VAL A 336 -5.32 -22.90 19.01
N ILE A 337 -4.87 -23.93 18.31
CA ILE A 337 -4.61 -25.22 18.92
C ILE A 337 -3.30 -25.72 18.37
N SER A 338 -2.70 -26.66 19.06
CA SER A 338 -1.52 -27.37 18.58
C SER A 338 -1.95 -28.25 17.42
N HIS A 339 -1.17 -28.27 16.35
CA HIS A 339 -1.52 -29.05 15.16
C HIS A 339 -0.36 -29.02 14.17
N THR A 340 -0.43 -29.90 13.18
CA THR A 340 0.54 -29.90 12.09
C THR A 340 -0.06 -29.24 10.85
N ALA A 341 0.65 -28.26 10.29
CA ALA A 341 0.09 -27.45 9.20
C ALA A 341 -0.09 -28.33 7.98
N GLN A 342 -1.28 -28.25 7.38
CA GLN A 342 -1.52 -28.88 6.06
C GLN A 342 -1.69 -27.78 5.02
N GLN A 343 -1.59 -28.17 3.76
CA GLN A 343 -1.61 -27.24 2.64
C GLN A 343 -2.80 -26.31 2.67
N ASP A 344 -3.96 -26.85 2.96
CA ASP A 344 -5.20 -26.08 2.94
C ASP A 344 -5.68 -25.79 4.35
N TRP A 345 -4.72 -25.47 5.23
CA TRP A 345 -5.03 -25.07 6.60
C TRP A 345 -4.29 -23.78 6.91
N ALA A 346 -4.12 -22.94 5.89
CA ALA A 346 -3.32 -21.75 6.06
C ALA A 346 -4.09 -20.71 6.87
N PRO A 347 -3.37 -19.83 7.59
CA PRO A 347 -4.04 -18.77 8.35
C PRO A 347 -4.86 -17.85 7.45
N SER A 348 -5.98 -17.33 7.94
CA SER A 348 -6.80 -16.44 7.16
C SER A 348 -7.75 -15.72 8.07
N SER A 349 -8.65 -14.92 7.48
CA SER A 349 -9.62 -14.19 8.28
C SER A 349 -10.80 -15.08 8.73
N THR A 350 -10.83 -16.36 8.30
CA THR A 350 -11.87 -17.31 8.73
C THR A 350 -11.29 -18.65 9.23
N SER A 351 -9.97 -18.78 9.23
CA SER A 351 -9.33 -20.02 9.70
C SER A 351 -9.74 -20.36 11.14
N SER A 352 -10.08 -21.63 11.38
CA SER A 352 -10.36 -22.10 12.75
C SER A 352 -9.07 -22.38 13.57
N LEU A 353 -7.94 -22.45 12.89
CA LEU A 353 -6.69 -22.86 13.50
C LEU A 353 -5.80 -21.69 13.88
N TRP A 354 -6.16 -20.48 13.42
CA TRP A 354 -5.33 -19.29 13.64
C TRP A 354 -6.22 -18.09 13.96
N THR A 355 -5.70 -17.12 14.72
CA THR A 355 -6.32 -15.81 14.78
C THR A 355 -5.29 -14.76 14.34
N ASN A 356 -5.78 -13.71 13.71
CA ASN A 356 -4.96 -12.58 13.32
C ASN A 356 -4.42 -11.94 14.61
N ALA A 357 -3.11 -11.74 14.67
CA ALA A 357 -2.49 -11.12 15.84
C ALA A 357 -1.55 -10.01 15.37
N ASP A 358 -1.93 -9.35 14.28
CA ASP A 358 -1.18 -8.17 13.83
C ASP A 358 -1.21 -7.10 14.94
N PRO A 359 -0.20 -6.23 14.99
CA PRO A 359 -0.11 -5.17 16.02
C PRO A 359 -0.90 -3.88 15.72
N ALA A 360 -2.05 -4.03 15.06
CA ALA A 360 -2.87 -2.89 14.65
C ALA A 360 -3.99 -2.56 15.66
N THR A 361 -4.64 -1.42 15.47
CA THR A 361 -5.68 -0.98 16.39
C THR A 361 -7.03 -0.80 15.71
N ASN A 362 -7.04 -0.81 14.38
CA ASN A 362 -8.29 -0.83 13.64
C ASN A 362 -8.93 -2.17 13.77
N TRP A 363 -10.27 -2.17 13.88
CA TRP A 363 -11.00 -3.40 14.06
C TRP A 363 -10.71 -4.30 12.87
N THR A 364 -10.43 -5.57 13.13
CA THR A 364 -9.96 -6.51 12.14
C THR A 364 -10.65 -7.87 12.35
N LEU A 365 -10.93 -8.60 11.28
CA LEU A 365 -11.52 -9.94 11.37
C LEU A 365 -10.60 -11.03 11.99
N ASN A 366 -11.23 -11.93 12.73
CA ASN A 366 -10.58 -13.11 13.27
C ASN A 366 -9.50 -12.76 14.29
N VAL A 367 -9.76 -11.69 15.04
CA VAL A 367 -8.88 -11.30 16.13
C VAL A 367 -9.47 -11.71 17.46
N SER A 368 -8.68 -12.35 18.30
CA SER A 368 -9.09 -12.65 19.64
C SER A 368 -8.97 -11.40 20.52
N TYR A 369 -10.06 -10.66 20.71
CA TYR A 369 -10.02 -9.44 21.51
C TYR A 369 -10.14 -9.75 22.99
N GLU A 370 -9.54 -8.91 23.82
CA GLU A 370 -9.64 -9.03 25.26
C GLU A 370 -10.33 -7.80 25.79
N GLN A 371 -10.95 -7.95 26.94
CA GLN A 371 -11.62 -6.87 27.63
CA GLN A 371 -11.62 -6.86 27.64
C GLN A 371 -10.62 -5.74 27.88
N GLY A 372 -11.02 -4.51 27.56
CA GLY A 372 -10.13 -3.38 27.74
C GLY A 372 -9.45 -2.93 26.46
N ASP A 373 -9.37 -3.83 25.46
CA ASP A 373 -8.81 -3.50 24.15
C ASP A 373 -9.65 -2.36 23.58
N ILE A 374 -9.00 -1.42 22.89
CA ILE A 374 -9.73 -0.36 22.19
C ILE A 374 -9.53 -0.52 20.68
N VAL A 375 -10.62 -0.51 19.90
CA VAL A 375 -10.53 -0.61 18.44
C VAL A 375 -11.06 0.65 17.74
N ASN A 376 -10.57 0.91 16.52
CA ASN A 376 -11.12 2.01 15.71
C ASN A 376 -12.01 1.40 14.66
N TYR A 377 -13.19 1.98 14.44
CA TYR A 377 -14.04 1.46 13.39
C TYR A 377 -14.92 2.58 12.86
N LYS A 378 -14.92 2.73 11.54
CA LYS A 378 -15.66 3.81 10.88
C LYS A 378 -15.48 5.11 11.61
N GLY A 379 -14.25 5.42 11.98
CA GLY A 379 -13.96 6.76 12.51
C GLY A 379 -14.21 6.98 13.98
N LYS A 380 -14.65 5.93 14.68
CA LYS A 380 -14.94 6.00 16.11
C LYS A 380 -14.15 4.94 16.89
N ARG A 381 -14.05 5.14 18.21
CA ARG A 381 -13.29 4.25 19.08
C ARG A 381 -14.25 3.47 19.97
N TYR A 382 -14.02 2.16 20.05
CA TYR A 382 -14.88 1.24 20.83
C TYR A 382 -14.04 0.44 21.82
N LEU A 383 -14.54 0.33 23.03
CA LEU A 383 -13.91 -0.53 24.01
C LEU A 383 -14.47 -1.94 23.84
N VAL A 384 -13.59 -2.94 23.86
CA VAL A 384 -14.04 -4.33 23.89
C VAL A 384 -14.58 -4.62 25.29
N SER A 385 -15.87 -4.89 25.40
CA SER A 385 -16.50 -5.08 26.69
C SER A 385 -16.52 -6.56 27.05
N VAL A 386 -16.62 -7.39 26.02
CA VAL A 386 -16.67 -8.83 26.19
C VAL A 386 -15.62 -9.45 25.29
N PRO A 387 -14.68 -10.21 25.88
CA PRO A 387 -13.65 -10.90 25.08
C PRO A 387 -14.26 -11.83 24.07
N HIS A 388 -13.75 -11.84 22.84
CA HIS A 388 -14.31 -12.69 21.81
C HIS A 388 -13.39 -12.73 20.59
N VAL A 389 -13.64 -13.66 19.67
CA VAL A 389 -12.97 -13.66 18.37
C VAL A 389 -13.85 -12.94 17.34
N SER A 390 -13.31 -11.85 16.75
CA SER A 390 -14.06 -11.03 15.81
C SER A 390 -14.45 -11.81 14.55
N GLN A 391 -15.64 -11.49 14.03
CA GLN A 391 -16.11 -12.00 12.74
C GLN A 391 -16.98 -10.93 12.05
N GLN A 392 -17.26 -11.13 10.77
CA GLN A 392 -17.80 -10.06 9.92
C GLN A 392 -19.11 -9.47 10.40
N ASP A 393 -19.98 -10.26 11.00
CA ASP A 393 -21.27 -9.72 11.43
C ASP A 393 -21.18 -9.08 12.82
N TRP A 394 -20.07 -9.23 13.52
CA TRP A 394 -19.98 -8.66 14.87
C TRP A 394 -19.22 -7.33 14.88
N THR A 395 -19.63 -6.45 13.98
CA THR A 395 -18.97 -5.16 13.87
C THR A 395 -19.26 -4.27 15.07
N PRO A 396 -18.28 -3.45 15.49
CA PRO A 396 -18.43 -2.65 16.71
C PRO A 396 -19.66 -1.73 16.76
N ASP A 397 -20.15 -1.29 15.61
CA ASP A 397 -21.21 -0.26 15.60
C ASP A 397 -22.59 -0.85 15.87
N THR A 398 -22.73 -2.16 15.65
CA THR A 398 -23.99 -2.85 15.84
C THR A 398 -23.95 -4.02 16.84
N GLN A 399 -22.84 -4.19 17.55
CA GLN A 399 -22.76 -5.26 18.57
C GLN A 399 -22.58 -4.68 19.97
N ASN A 400 -23.69 -4.30 20.60
CA ASN A 400 -23.66 -3.58 21.88
C ASN A 400 -23.19 -4.45 23.05
N THR A 401 -23.31 -5.78 22.89
CA THR A 401 -22.84 -6.69 23.92
C THR A 401 -21.32 -6.73 23.90
N LEU A 402 -20.73 -6.81 22.70
CA LEU A 402 -19.27 -6.98 22.56
C LEU A 402 -18.46 -5.69 22.68
N PHE A 403 -19.04 -4.58 22.25
CA PHE A 403 -18.31 -3.34 22.18
C PHE A 403 -19.11 -2.25 22.81
N THR A 404 -18.42 -1.32 23.46
CA THR A 404 -19.04 -0.08 23.94
C THR A 404 -18.28 1.13 23.37
N ALA A 405 -19.01 2.08 22.79
CA ALA A 405 -18.36 3.23 22.17
C ALA A 405 -17.74 4.15 23.21
N LEU A 406 -16.57 4.67 22.89
CA LEU A 406 -16.00 5.81 23.59
C LEU A 406 -16.28 7.05 22.73
N GLU A 407 -16.52 8.23 23.32
CA GLU A 407 -16.86 8.46 24.72
C GLU A 407 -17.29 9.92 24.79
C THR B 4 -33.57 -12.45 -10.43
N PRO B 5 -32.94 -11.42 -9.83
CA PRO B 5 -33.01 -10.06 -10.34
C PRO B 5 -32.69 -10.01 -11.81
N LYS B 6 -33.26 -9.00 -12.49
CA LYS B 6 -33.02 -8.82 -13.90
C LYS B 6 -31.51 -8.69 -14.17
N GLY B 7 -30.84 -7.96 -13.29
CA GLY B 7 -29.46 -7.58 -13.47
C GLY B 7 -28.97 -6.71 -12.34
N THR B 8 -27.66 -6.43 -12.32
CA THR B 8 -27.03 -5.64 -11.27
C THR B 8 -26.47 -4.35 -11.85
N ILE B 9 -26.87 -3.22 -11.27
CA ILE B 9 -26.35 -1.93 -11.68
C ILE B 9 -25.30 -1.41 -10.70
N TYR B 10 -24.16 -0.95 -11.22
CA TYR B 10 -23.15 -0.31 -10.37
C TYR B 10 -23.08 1.16 -10.68
N LEU B 11 -23.59 2.00 -9.78
CA LEU B 11 -23.53 3.44 -10.01
C LEU B 11 -22.13 3.86 -9.58
N THR B 12 -21.38 4.47 -10.50
CA THR B 12 -20.06 4.95 -10.18
C THR B 12 -20.00 6.47 -10.48
N PHE B 13 -19.54 7.22 -9.50
CA PHE B 13 -19.45 8.67 -9.59
C PHE B 13 -17.99 9.11 -9.58
N SER B 14 -17.59 9.85 -10.63
CA SER B 14 -16.23 10.34 -10.76
C SER B 14 -16.05 11.84 -10.50
N ASP B 15 -14.89 12.18 -9.95
CA ASP B 15 -14.29 13.53 -9.92
C ASP B 15 -14.60 14.29 -8.64
N GLY B 16 -15.30 13.64 -7.71
CA GLY B 16 -15.49 14.22 -6.39
C GLY B 16 -14.22 14.04 -5.56
N PRO B 17 -14.28 14.43 -4.29
CA PRO B 17 -15.42 14.98 -3.57
C PRO B 17 -15.53 16.48 -3.71
N VAL B 18 -16.72 16.97 -4.05
CA VAL B 18 -16.97 18.42 -4.17
C VAL B 18 -18.31 18.71 -3.49
N ASN B 19 -18.73 19.97 -3.51
CA ASN B 19 -19.94 20.35 -2.79
C ASN B 19 -21.12 19.57 -3.32
N ALA B 20 -21.19 19.43 -4.64
CA ALA B 20 -22.31 18.74 -5.27
C ALA B 20 -22.45 17.30 -4.80
N SER B 21 -21.34 16.69 -4.37
CA SER B 21 -21.36 15.31 -3.93
C SER B 21 -22.31 15.08 -2.75
N VAL B 22 -22.49 16.10 -1.91
CA VAL B 22 -23.29 15.98 -0.70
C VAL B 22 -24.75 15.61 -1.00
N GLU B 23 -25.39 16.36 -1.88
CA GLU B 23 -26.81 16.11 -2.17
C GLU B 23 -26.94 14.87 -3.03
N VAL B 24 -25.91 14.53 -3.81
CA VAL B 24 -25.91 13.25 -4.52
C VAL B 24 -26.00 12.11 -3.51
N ILE B 25 -25.16 12.18 -2.49
CA ILE B 25 -25.16 11.15 -1.47
C ILE B 25 -26.52 11.06 -0.77
N LYS B 26 -27.12 12.20 -0.48
CA LYS B 26 -28.41 12.20 0.20
C LYS B 26 -29.46 11.50 -0.64
N VAL B 27 -29.45 11.73 -1.95
CA VAL B 27 -30.39 11.09 -2.85
C VAL B 27 -30.19 9.58 -2.91
N LEU B 28 -28.92 9.14 -2.94
CA LEU B 28 -28.61 7.71 -2.92
C LEU B 28 -29.14 7.10 -1.64
N ASN B 29 -28.89 7.79 -0.53
CA ASN B 29 -29.33 7.29 0.76
C ASN B 29 -30.84 7.21 0.79
N GLN B 30 -31.51 8.25 0.29
CA GLN B 30 -32.96 8.28 0.31
C GLN B 30 -33.49 7.17 -0.57
N GLY B 31 -32.81 6.90 -1.69
CA GLY B 31 -33.20 5.79 -2.54
C GLY B 31 -32.86 4.40 -2.01
N GLY B 32 -32.14 4.34 -0.90
CA GLY B 32 -31.76 3.08 -0.30
C GLY B 32 -30.83 2.26 -1.19
N VAL B 33 -29.83 2.93 -1.76
CA VAL B 33 -28.76 2.23 -2.48
C VAL B 33 -27.40 2.72 -2.04
N LYS B 34 -26.37 1.92 -2.35
CA LYS B 34 -24.97 2.27 -2.15
C LYS B 34 -24.33 2.43 -3.53
N ALA B 35 -23.33 3.30 -3.61
CA ALA B 35 -22.64 3.56 -4.85
C ALA B 35 -21.13 3.62 -4.61
N THR B 36 -20.38 3.67 -5.71
CA THR B 36 -18.93 3.75 -5.65
C THR B 36 -18.47 5.13 -6.12
N PHE B 37 -17.62 5.75 -5.32
CA PHE B 37 -17.11 7.07 -5.65
C PHE B 37 -15.63 7.04 -5.96
N TYR B 38 -15.28 7.46 -7.16
CA TYR B 38 -13.89 7.51 -7.60
C TYR B 38 -13.36 8.93 -7.45
N PHE B 39 -12.66 9.16 -6.34
CA PHE B 39 -12.30 10.49 -5.87
C PHE B 39 -10.91 10.99 -6.29
N ASN B 40 -10.83 12.33 -6.44
CA ASN B 40 -9.57 13.05 -6.58
C ASN B 40 -9.33 13.98 -5.40
N ALA B 41 -8.31 13.68 -4.61
CA ALA B 41 -8.10 14.39 -3.34
C ALA B 41 -7.68 15.87 -3.49
N TRP B 42 -7.35 16.31 -4.69
CA TRP B 42 -6.91 17.70 -4.83
C TRP B 42 -8.04 18.67 -4.46
N HIS B 43 -9.29 18.23 -4.60
CA HIS B 43 -10.43 19.01 -4.09
C HIS B 43 -10.33 19.29 -2.60
N LEU B 44 -9.72 18.38 -1.84
CA LEU B 44 -9.56 18.61 -0.39
C LEU B 44 -8.52 19.70 -0.16
N ASP B 45 -7.61 19.89 -1.10
CA ASP B 45 -6.60 20.93 -0.94
C ASP B 45 -7.14 22.29 -1.36
N GLY B 46 -8.31 22.28 -2.00
CA GLY B 46 -8.96 23.50 -2.44
C GLY B 46 -8.48 24.02 -3.77
N ILE B 47 -7.84 23.17 -4.58
CA ILE B 47 -7.19 23.63 -5.81
C ILE B 47 -7.76 23.01 -7.07
N GLY B 48 -8.84 22.28 -6.92
CA GLY B 48 -9.48 21.62 -8.05
C GLY B 48 -10.40 22.50 -8.89
N ASP B 49 -10.50 23.79 -8.55
CA ASP B 49 -11.33 24.74 -9.31
C ASP B 49 -12.82 24.33 -9.38
N GLU B 50 -13.39 23.86 -8.27
CA GLU B 50 -14.84 23.65 -8.17
C GLU B 50 -15.31 24.27 -6.88
N ASN B 51 -16.63 24.30 -6.66
CA ASN B 51 -17.13 24.56 -5.31
C ASN B 51 -16.80 23.35 -4.45
N GLU B 52 -15.85 23.49 -3.55
CA GLU B 52 -15.28 22.34 -2.87
C GLU B 52 -14.89 22.65 -1.43
N ASP B 53 -15.47 23.72 -0.89
CA ASP B 53 -15.23 24.03 0.51
C ASP B 53 -15.91 22.99 1.40
N ARG B 54 -16.88 22.25 0.86
CA ARG B 54 -17.48 21.10 1.56
C ARG B 54 -16.92 19.73 1.12
N ALA B 55 -15.72 19.72 0.55
CA ALA B 55 -15.13 18.48 0.07
C ALA B 55 -14.94 17.43 1.17
N LEU B 56 -14.35 17.82 2.30
CA LEU B 56 -14.16 16.91 3.44
C LEU B 56 -15.49 16.42 4.02
N GLU B 57 -16.43 17.34 4.17
CA GLU B 57 -17.76 16.97 4.59
C GLU B 57 -18.30 15.90 3.65
N ALA B 58 -18.12 16.10 2.36
CA ALA B 58 -18.61 15.11 1.41
C ALA B 58 -17.91 13.75 1.56
N LEU B 59 -16.61 13.78 1.83
CA LEU B 59 -15.84 12.53 1.92
C LEU B 59 -16.37 11.79 3.14
N LYS B 60 -16.50 12.51 4.24
CA LYS B 60 -16.95 11.89 5.47
C LYS B 60 -18.37 11.36 5.30
N LEU B 61 -19.21 12.10 4.58
CA LEU B 61 -20.59 11.67 4.44
C LEU B 61 -20.69 10.41 3.58
N ALA B 62 -19.89 10.33 2.52
CA ALA B 62 -19.92 9.16 1.69
C ALA B 62 -19.51 7.93 2.49
N LEU B 63 -18.49 8.09 3.34
CA LEU B 63 -17.98 6.95 4.08
C LEU B 63 -18.92 6.57 5.21
N ASP B 64 -19.46 7.57 5.93
CA ASP B 64 -20.39 7.27 6.99
C ASP B 64 -21.65 6.60 6.45
N SER B 65 -22.02 6.89 5.20
CA SER B 65 -23.24 6.33 4.60
C SER B 65 -23.02 4.97 3.96
N GLY B 66 -21.80 4.45 4.01
CA GLY B 66 -21.56 3.12 3.48
C GLY B 66 -21.19 3.03 2.02
N HIS B 67 -21.02 4.16 1.34
CA HIS B 67 -20.59 4.13 -0.04
C HIS B 67 -19.11 3.78 -0.16
N ILE B 68 -18.73 3.19 -1.29
CA ILE B 68 -17.35 2.79 -1.50
C ILE B 68 -16.53 3.93 -2.09
N VAL B 69 -15.36 4.17 -1.50
CA VAL B 69 -14.38 5.10 -2.05
C VAL B 69 -13.27 4.39 -2.81
N GLY B 70 -13.17 4.73 -4.10
CA GLY B 70 -12.08 4.27 -4.94
C GLY B 70 -11.17 5.39 -5.35
N ASN B 71 -10.07 5.02 -5.96
CA ASN B 71 -8.98 5.91 -6.32
C ASN B 71 -9.03 6.38 -7.80
N HIS B 72 -9.13 7.69 -8.02
CA HIS B 72 -9.18 8.27 -9.37
C HIS B 72 -7.96 9.18 -9.60
N SER B 73 -6.94 9.02 -8.76
CA SER B 73 -5.68 9.79 -8.78
C SER B 73 -5.83 11.14 -8.08
N TYR B 74 -4.72 11.70 -7.65
CA TYR B 74 -4.74 12.91 -6.85
C TYR B 74 -5.35 14.09 -7.59
N ASP B 75 -4.86 14.36 -8.81
CA ASP B 75 -5.14 15.62 -9.48
C ASP B 75 -5.79 15.43 -10.84
N HIS B 76 -6.26 14.21 -11.09
CA HIS B 76 -6.93 13.91 -12.34
C HIS B 76 -6.00 14.18 -13.54
N MET B 77 -4.69 14.05 -13.31
CA MET B 77 -3.68 14.21 -14.38
C MET B 77 -3.56 15.65 -14.87
N ILE B 78 -4.04 16.62 -14.10
CA ILE B 78 -3.96 18.01 -14.52
C ILE B 78 -2.49 18.45 -14.59
N HIS B 79 -1.60 17.73 -13.90
CA HIS B 79 -0.19 18.09 -14.01
C HIS B 79 0.34 17.90 -15.44
N ASN B 80 -0.26 17.00 -16.20
CA ASN B 80 0.12 16.84 -17.60
C ASN B 80 -0.58 17.82 -18.58
N CYS B 81 -1.40 18.73 -18.04
CA CYS B 81 -2.18 19.66 -18.85
C CYS B 81 -1.55 21.07 -18.79
N VAL B 82 -0.61 21.25 -17.87
CA VAL B 82 0.03 22.56 -17.62
C VAL B 82 1.57 22.39 -17.62
N GLU B 83 2.31 23.50 -17.73
CA GLU B 83 3.78 23.42 -17.79
C GLU B 83 4.30 23.17 -16.38
N GLU B 84 3.61 23.71 -15.36
CA GLU B 84 4.02 23.49 -13.99
C GLU B 84 2.85 23.44 -13.01
N PHE B 85 2.68 22.30 -12.36
CA PHE B 85 1.55 22.12 -11.46
C PHE B 85 1.63 23.01 -10.21
N GLY B 86 0.50 23.64 -9.88
CA GLY B 86 0.37 24.48 -8.71
C GLY B 86 -1.12 24.69 -8.42
N PRO B 87 -1.43 25.60 -7.50
CA PRO B 87 -2.79 25.91 -7.04
C PRO B 87 -3.70 26.42 -8.14
N THR B 88 -3.15 26.98 -9.21
CA THR B 88 -4.01 27.55 -10.23
C THR B 88 -4.22 26.57 -11.37
N SER B 89 -3.56 25.42 -11.32
CA SER B 89 -3.51 24.57 -12.52
C SER B 89 -4.88 24.04 -12.96
N GLY B 90 -5.78 23.78 -12.01
CA GLY B 90 -7.11 23.32 -12.35
C GLY B 90 -7.86 24.37 -13.16
N ALA B 91 -7.76 25.61 -12.68
CA ALA B 91 -8.33 26.75 -13.38
C ALA B 91 -7.67 26.96 -14.74
N ASP B 92 -6.33 26.85 -14.80
CA ASP B 92 -5.64 27.06 -16.08
C ASP B 92 -6.09 26.02 -17.12
N CYS B 93 -6.24 24.77 -16.68
CA CYS B 93 -6.63 23.71 -17.60
C CYS B 93 -8.10 23.83 -17.92
N ASN B 94 -8.88 24.39 -17.00
CA ASN B 94 -10.29 24.62 -17.30
C ASN B 94 -10.44 25.73 -18.34
N ALA B 95 -9.51 26.69 -18.34
CA ALA B 95 -9.51 27.76 -19.34
C ALA B 95 -9.21 27.27 -20.74
N THR B 96 -8.28 26.32 -20.90
CA THR B 96 -7.96 25.79 -22.22
C THR B 96 -8.82 24.64 -22.64
N GLY B 97 -9.28 23.84 -21.66
CA GLY B 97 -10.09 22.66 -21.93
C GLY B 97 -9.27 21.51 -22.53
N ASN B 98 -7.98 21.49 -22.20
CA ASN B 98 -7.04 20.53 -22.78
C ASN B 98 -6.89 19.22 -21.99
N HIS B 99 -7.84 18.92 -21.11
CA HIS B 99 -7.76 17.75 -20.22
C HIS B 99 -7.38 16.41 -20.90
N GLN B 100 -7.92 16.16 -22.11
CA GLN B 100 -7.73 14.89 -22.82
C GLN B 100 -6.54 14.91 -23.78
N ILE B 101 -5.72 15.95 -23.71
CA ILE B 101 -4.55 16.06 -24.58
C ILE B 101 -3.25 15.87 -23.77
N HIS B 102 -2.40 14.92 -24.18
CA HIS B 102 -1.17 14.61 -23.42
C HIS B 102 -1.44 14.28 -21.96
N SER B 103 -2.60 13.67 -21.72
CA SER B 103 -3.09 13.43 -20.37
C SER B 103 -2.18 12.50 -19.58
N TYR B 104 -1.53 11.56 -20.28
CA TYR B 104 -0.55 10.66 -19.67
C TYR B 104 0.78 10.83 -20.41
N GLN B 105 1.87 11.01 -19.66
CA GLN B 105 3.20 11.23 -20.24
C GLN B 105 4.23 10.26 -19.64
N ASP B 106 4.63 10.47 -18.39
CA ASP B 106 5.55 9.56 -17.71
C ASP B 106 4.69 8.63 -16.83
N PRO B 107 4.54 7.36 -17.24
CA PRO B 107 3.61 6.45 -16.56
C PRO B 107 3.98 6.24 -15.09
N VAL B 108 5.27 6.35 -14.77
CA VAL B 108 5.73 6.15 -13.40
C VAL B 108 5.23 7.28 -12.52
N ARG B 109 5.35 8.52 -12.99
N ARG B 109 5.36 8.52 -12.99
CA ARG B 109 4.86 9.67 -12.23
CA ARG B 109 4.85 9.69 -12.25
C ARG B 109 3.33 9.69 -12.21
C ARG B 109 3.34 9.64 -12.20
N ASP B 110 2.72 9.22 -13.30
CA ASP B 110 1.26 9.24 -13.41
C ASP B 110 0.64 8.20 -12.50
N ALA B 111 1.28 7.04 -12.39
CA ALA B 111 0.85 6.06 -11.40
C ALA B 111 1.06 6.54 -9.97
N ALA B 112 2.16 7.26 -9.72
CA ALA B 112 2.43 7.74 -8.38
C ALA B 112 1.33 8.68 -7.91
N SER B 113 0.71 9.38 -8.86
CA SER B 113 -0.42 10.24 -8.53
C SER B 113 -1.54 9.49 -7.79
N PHE B 114 -1.70 8.21 -8.08
CA PHE B 114 -2.67 7.41 -7.33
C PHE B 114 -2.25 7.19 -5.88
N GLU B 115 -0.94 7.03 -5.64
CA GLU B 115 -0.47 6.87 -4.27
C GLU B 115 -0.55 8.20 -3.50
N GLN B 116 -0.22 9.29 -4.18
CA GLN B 116 -0.33 10.60 -3.58
C GLN B 116 -1.78 10.86 -3.16
N ASN B 117 -2.70 10.32 -3.94
CA ASN B 117 -4.10 10.50 -3.63
C ASN B 117 -4.44 9.92 -2.23
N LEU B 118 -3.89 8.74 -1.92
CA LEU B 118 -4.13 8.09 -0.64
C LEU B 118 -3.47 8.84 0.51
N ILE B 119 -2.26 9.34 0.28
CA ILE B 119 -1.60 10.16 1.29
C ILE B 119 -2.51 11.34 1.68
N THR B 120 -3.03 12.05 0.68
CA THR B 120 -3.89 13.22 0.92
C THR B 120 -5.21 12.85 1.63
N LEU B 121 -5.85 11.77 1.18
CA LEU B 121 -7.08 11.34 1.86
C LEU B 121 -6.80 11.03 3.31
N GLU B 122 -5.71 10.31 3.57
CA GLU B 122 -5.36 9.88 4.93
C GLU B 122 -4.77 11.00 5.74
N LYS B 123 -4.51 12.13 5.09
CA LYS B 123 -4.09 13.34 5.77
C LYS B 123 -5.31 14.14 6.25
N TYR B 124 -6.30 14.30 5.38
CA TYR B 124 -7.50 15.06 5.74
C TYR B 124 -8.47 14.25 6.60
N LEU B 125 -8.43 12.92 6.45
CA LEU B 125 -9.25 12.02 7.27
C LEU B 125 -8.40 10.88 7.85
N PRO B 126 -7.68 11.16 8.94
CA PRO B 126 -6.70 10.20 9.45
C PRO B 126 -7.29 8.87 9.90
N THR B 127 -8.60 8.79 10.12
CA THR B 127 -9.24 7.55 10.56
C THR B 127 -9.79 6.76 9.38
N ILE B 128 -9.46 7.19 8.17
CA ILE B 128 -10.12 6.66 7.00
C ILE B 128 -9.86 5.16 6.80
N ARG B 129 -8.71 4.66 7.26
CA ARG B 129 -8.45 3.21 7.14
C ARG B 129 -9.31 2.37 8.06
N SER B 130 -9.96 3.02 9.03
CA SER B 130 -10.85 2.31 9.94
C SER B 130 -12.21 2.03 9.28
N TYR B 131 -12.43 2.56 8.06
CA TYR B 131 -13.70 2.31 7.34
C TYR B 131 -13.49 1.16 6.36
N PRO B 132 -14.31 0.10 6.44
CA PRO B 132 -14.08 -1.02 5.53
C PRO B 132 -14.44 -0.66 4.10
N ASN B 133 -15.31 0.34 3.92
CA ASN B 133 -15.70 0.79 2.59
C ASN B 133 -14.70 1.76 1.95
N TYR B 134 -13.62 2.05 2.68
CA TYR B 134 -12.52 2.74 2.04
C TYR B 134 -11.72 1.72 1.25
N LYS B 135 -11.83 1.78 -0.08
CA LYS B 135 -11.12 0.87 -0.96
C LYS B 135 -10.13 1.62 -1.87
N GLY B 136 -9.60 2.75 -1.39
CA GLY B 136 -8.71 3.59 -2.16
C GLY B 136 -7.44 2.87 -2.62
N TYR B 137 -7.01 1.85 -1.88
CA TYR B 137 -5.74 1.16 -2.18
C TYR B 137 -5.99 -0.13 -2.92
N GLU B 138 -7.24 -0.38 -3.32
CA GLU B 138 -7.64 -1.63 -3.99
C GLU B 138 -8.33 -1.42 -5.33
N LEU B 139 -9.16 -0.37 -5.42
CA LEU B 139 -9.97 -0.12 -6.60
C LEU B 139 -9.65 1.23 -7.18
N ALA B 140 -9.39 1.26 -8.49
CA ALA B 140 -9.08 2.50 -9.18
C ALA B 140 -9.77 2.60 -10.53
N ARG B 141 -9.77 3.80 -11.05
CA ARG B 141 -10.21 4.01 -12.41
C ARG B 141 -9.36 5.18 -12.91
N LEU B 142 -8.85 5.05 -14.13
CA LEU B 142 -7.96 6.06 -14.71
C LEU B 142 -8.77 7.23 -15.30
N PRO B 143 -8.33 8.45 -15.02
CA PRO B 143 -8.98 9.61 -15.65
C PRO B 143 -9.08 9.46 -17.16
N TYR B 144 -10.25 9.79 -17.70
CA TYR B 144 -10.55 9.84 -19.16
C TYR B 144 -10.73 8.48 -19.85
N THR B 145 -10.60 7.37 -19.13
CA THR B 145 -10.16 6.15 -19.78
C THR B 145 -10.97 4.93 -19.40
N ASN B 146 -11.63 4.38 -20.41
CA ASN B 146 -12.45 3.20 -20.23
C ASN B 146 -11.56 1.98 -20.29
N GLY B 147 -10.82 1.77 -19.21
CA GLY B 147 -9.74 0.79 -19.17
C GLY B 147 -10.02 -0.16 -18.03
N TRP B 148 -9.58 -1.41 -18.19
CA TRP B 148 -9.98 -2.50 -17.31
C TRP B 148 -8.77 -3.40 -16.95
N ARG B 149 -8.62 -3.68 -15.67
CA ARG B 149 -7.67 -4.67 -15.18
C ARG B 149 -8.39 -5.40 -14.07
N VAL B 150 -9.03 -6.53 -14.41
CA VAL B 150 -9.90 -7.19 -13.45
C VAL B 150 -9.32 -8.55 -13.05
N THR B 151 -9.03 -9.38 -14.03
CA THR B 151 -8.41 -10.66 -13.77
C THR B 151 -7.30 -10.88 -14.77
N LYS B 152 -6.51 -11.92 -14.56
CA LYS B 152 -5.51 -12.36 -15.49
C LYS B 152 -6.03 -12.41 -16.94
N HIS B 153 -7.29 -12.81 -17.10
CA HIS B 153 -7.90 -12.94 -18.42
C HIS B 153 -9.01 -11.94 -18.74
N PHE B 154 -9.15 -10.92 -17.90
CA PHE B 154 -10.14 -9.85 -18.09
C PHE B 154 -9.38 -8.54 -17.99
N GLN B 155 -8.93 -8.05 -19.14
CA GLN B 155 -8.11 -6.86 -19.19
C GLN B 155 -8.28 -6.23 -20.55
N ALA B 156 -8.42 -4.92 -20.61
CA ALA B 156 -8.59 -4.25 -21.90
C ALA B 156 -8.41 -2.72 -21.76
N ASP B 157 -8.04 -2.04 -22.82
CA ASP B 157 -7.69 -0.62 -22.72
C ASP B 157 -8.54 0.29 -23.59
N GLY B 158 -8.61 1.58 -23.22
CA GLY B 158 -9.35 2.58 -23.99
C GLY B 158 -8.41 3.15 -25.03
N LEU B 159 -8.47 2.60 -26.23
CA LEU B 159 -7.41 2.84 -27.19
C LEU B 159 -7.48 4.24 -27.85
N CYS B 160 -8.58 4.97 -27.64
CA CYS B 160 -8.73 6.34 -28.14
C CYS B 160 -9.10 7.36 -27.05
N ALA B 161 -8.84 7.01 -25.80
CA ALA B 161 -9.22 7.82 -24.64
C ALA B 161 -8.59 9.21 -24.61
N THR B 162 -7.30 9.30 -24.92
CA THR B 162 -6.60 10.59 -24.85
C THR B 162 -5.73 10.79 -26.07
N SER B 163 -5.37 12.04 -26.37
CA SER B 163 -4.73 12.36 -27.65
C SER B 163 -3.36 13.03 -27.51
N ASP B 164 -2.65 13.10 -28.64
CA ASP B 164 -1.34 13.74 -28.70
C ASP B 164 -1.41 15.10 -29.38
N ASN B 165 -2.61 15.64 -29.55
CA ASN B 165 -2.73 16.95 -30.19
C ASN B 165 -4.06 17.68 -30.00
N LEU B 166 -5.12 17.15 -30.58
CA LEU B 166 -6.40 17.87 -30.63
C LEU B 166 -7.43 17.25 -29.72
N LYS B 167 -8.43 18.04 -29.37
CA LYS B 167 -9.60 17.55 -28.67
C LYS B 167 -10.35 16.58 -29.60
N PRO B 168 -10.97 15.52 -29.03
CA PRO B 168 -11.63 14.52 -29.85
C PRO B 168 -12.73 15.07 -30.73
N TRP B 169 -13.47 16.04 -30.21
CA TRP B 169 -14.58 16.62 -30.95
C TRP B 169 -14.16 17.59 -32.05
N GLU B 170 -12.88 17.99 -32.03
CA GLU B 170 -12.38 19.00 -32.95
C GLU B 170 -12.27 18.46 -34.37
N PRO B 171 -12.52 19.33 -35.36
CA PRO B 171 -12.18 19.02 -36.74
C PRO B 171 -10.68 18.72 -36.90
N GLY B 172 -10.35 17.66 -37.63
CA GLY B 172 -8.97 17.28 -37.89
C GLY B 172 -8.53 16.11 -37.02
N TYR B 173 -9.30 15.84 -35.95
CA TYR B 173 -8.96 14.79 -34.99
C TYR B 173 -9.06 13.41 -35.61
N VAL B 174 -8.02 12.62 -35.43
CA VAL B 174 -7.97 11.29 -36.00
C VAL B 174 -7.58 10.31 -34.91
N CYS B 175 -8.28 9.20 -34.89
CA CYS B 175 -7.98 8.15 -33.96
C CYS B 175 -7.85 6.82 -34.67
N ASP B 176 -6.74 6.13 -34.40
CA ASP B 176 -6.50 4.80 -34.93
C ASP B 176 -6.21 3.85 -33.78
N PRO B 177 -7.17 2.96 -33.45
CA PRO B 177 -6.97 2.05 -32.31
C PRO B 177 -5.82 1.06 -32.50
N ALA B 178 -5.40 0.86 -33.74
CA ALA B 178 -4.28 -0.05 -34.05
C ALA B 178 -2.94 0.63 -33.86
N ASN B 179 -2.96 1.96 -33.79
CA ASN B 179 -1.75 2.73 -33.52
C ASN B 179 -2.08 3.82 -32.53
N PRO B 180 -2.31 3.42 -31.27
CA PRO B 180 -2.80 4.35 -30.25
C PRO B 180 -1.85 5.52 -30.03
N SER B 181 -2.37 6.66 -29.61
CA SER B 181 -1.53 7.81 -29.29
C SER B 181 -0.52 7.46 -28.20
N ASN B 182 0.48 8.32 -28.03
CA ASN B 182 1.45 8.12 -26.98
C ASN B 182 0.84 8.26 -25.61
N SER B 183 -0.17 9.11 -25.53
CA SER B 183 -0.87 9.36 -24.28
C SER B 183 -1.57 8.07 -23.87
N VAL B 184 -2.28 7.44 -24.80
CA VAL B 184 -2.88 6.13 -24.56
C VAL B 184 -1.84 5.06 -24.16
N LYS B 185 -0.75 4.95 -24.90
CA LYS B 185 0.29 3.98 -24.59
C LYS B 185 0.80 4.14 -23.16
N ALA B 186 0.92 5.40 -22.74
CA ALA B 186 1.36 5.72 -21.40
C ALA B 186 0.30 5.27 -20.39
N SER B 187 -0.96 5.49 -20.73
CA SER B 187 -2.03 5.13 -19.85
C SER B 187 -2.09 3.62 -19.68
N ILE B 188 -1.78 2.89 -20.74
CA ILE B 188 -1.71 1.44 -20.62
C ILE B 188 -0.63 1.00 -19.60
N GLN B 189 0.48 1.73 -19.56
CA GLN B 189 1.55 1.33 -18.63
C GLN B 189 1.12 1.70 -17.23
N VAL B 190 0.38 2.81 -17.11
CA VAL B 190 -0.20 3.17 -15.80
C VAL B 190 -1.07 2.01 -15.27
N GLN B 191 -1.92 1.45 -16.12
CA GLN B 191 -2.77 0.31 -15.73
C GLN B 191 -1.92 -0.81 -15.19
N ASN B 192 -0.86 -1.10 -15.92
CA ASN B 192 -0.01 -2.24 -15.53
C ASN B 192 0.73 -1.98 -14.22
N ILE B 193 1.17 -0.75 -14.01
CA ILE B 193 1.79 -0.41 -12.76
C ILE B 193 0.81 -0.54 -11.59
N LEU B 194 -0.40 -0.05 -11.77
CA LEU B 194 -1.38 -0.12 -10.70
C LEU B 194 -1.72 -1.58 -10.42
N ALA B 195 -1.84 -2.37 -11.48
CA ALA B 195 -2.19 -3.76 -11.30
C ALA B 195 -1.10 -4.46 -10.46
N ASN B 196 0.15 -4.13 -10.72
CA ASN B 196 1.23 -4.78 -10.00
C ASN B 196 1.32 -4.33 -8.53
N GLN B 197 0.66 -3.23 -8.22
CA GLN B 197 0.49 -2.82 -6.84
C GLN B 197 -0.79 -3.39 -6.28
N GLY B 198 -1.47 -4.27 -7.03
CA GLY B 198 -2.63 -4.97 -6.49
C GLY B 198 -3.97 -4.26 -6.72
N TYR B 199 -3.98 -3.22 -7.53
CA TYR B 199 -5.24 -2.56 -7.89
C TYR B 199 -6.00 -3.36 -8.91
N GLN B 200 -7.33 -3.35 -8.80
CA GLN B 200 -8.19 -3.64 -9.93
C GLN B 200 -8.64 -2.30 -10.50
N THR B 201 -8.77 -2.22 -11.82
CA THR B 201 -9.39 -1.06 -12.44
C THR B 201 -10.57 -1.51 -13.29
N HIS B 202 -11.57 -0.64 -13.35
CA HIS B 202 -12.75 -0.89 -14.13
C HIS B 202 -13.12 0.37 -14.90
N GLY B 203 -13.70 0.18 -16.09
CA GLY B 203 -14.26 1.25 -16.89
C GLY B 203 -15.77 1.35 -16.68
N TRP B 204 -16.54 1.46 -17.76
CA TRP B 204 -18.00 1.63 -17.63
C TRP B 204 -18.75 1.09 -18.86
N ASP B 205 -20.04 0.81 -18.71
CA ASP B 205 -20.88 0.31 -19.81
C ASP B 205 -21.69 1.45 -20.39
N VAL B 206 -22.22 2.30 -19.53
CA VAL B 206 -23.03 3.44 -19.97
C VAL B 206 -22.65 4.64 -19.16
N ASP B 207 -22.82 5.80 -19.77
CA ASP B 207 -22.38 7.07 -19.23
C ASP B 207 -23.57 8.04 -19.20
N TRP B 208 -23.94 8.47 -18.01
CA TRP B 208 -25.00 9.46 -17.85
C TRP B 208 -24.39 10.84 -17.98
N ALA B 209 -24.47 11.38 -19.18
CA ALA B 209 -23.69 12.54 -19.57
C ALA B 209 -24.56 13.54 -20.38
N PRO B 210 -24.02 14.75 -20.64
CA PRO B 210 -24.61 15.65 -21.63
C PRO B 210 -24.67 15.01 -23.01
N GLU B 211 -25.54 15.52 -23.88
CA GLU B 211 -25.53 15.21 -25.31
C GLU B 211 -24.11 15.33 -25.91
N ASN B 212 -23.45 16.45 -25.65
CA ASN B 212 -22.03 16.56 -26.01
C ASN B 212 -21.22 17.53 -25.13
N TRP B 213 -20.04 17.04 -24.74
CA TRP B 213 -19.07 17.75 -23.92
C TRP B 213 -18.34 18.87 -24.68
N GLY B 214 -18.44 18.84 -26.01
CA GLY B 214 -17.84 19.86 -26.86
C GLY B 214 -18.42 21.25 -26.62
N ILE B 215 -19.71 21.33 -26.29
CA ILE B 215 -20.39 22.61 -26.16
C ILE B 215 -20.73 22.93 -24.70
N PRO B 216 -21.04 24.22 -24.42
CA PRO B 216 -21.32 24.67 -23.05
C PRO B 216 -22.51 23.99 -22.34
N MET B 217 -22.62 24.26 -21.03
CA MET B 217 -23.77 23.86 -20.19
C MET B 217 -24.14 22.38 -20.29
N PRO B 218 -23.15 21.51 -20.04
CA PRO B 218 -23.38 20.08 -20.16
C PRO B 218 -24.41 19.53 -19.17
N ALA B 219 -24.66 20.20 -18.04
CA ALA B 219 -25.52 19.60 -17.03
C ALA B 219 -26.97 19.62 -17.49
N ASN B 220 -27.29 20.49 -18.44
CA ASN B 220 -28.70 20.65 -18.79
C ASN B 220 -29.25 19.54 -19.67
N SER B 221 -28.37 18.91 -20.44
CA SER B 221 -28.79 17.96 -21.46
C SER B 221 -28.71 16.48 -21.04
N LEU B 222 -28.75 16.19 -19.73
CA LEU B 222 -28.71 14.81 -19.26
C LEU B 222 -30.02 14.07 -19.58
N THR B 223 -29.88 12.82 -20.03
CA THR B 223 -31.03 11.96 -20.34
C THR B 223 -31.97 11.80 -19.15
N GLU B 224 -33.27 11.80 -19.42
CA GLU B 224 -34.26 11.60 -18.36
C GLU B 224 -34.20 10.17 -17.83
N ALA B 225 -34.78 9.99 -16.64
CA ALA B 225 -34.74 8.70 -15.94
C ALA B 225 -35.25 7.51 -16.76
N VAL B 226 -36.38 7.66 -17.44
CA VAL B 226 -36.98 6.55 -18.20
C VAL B 226 -36.12 6.14 -19.40
N PRO B 227 -35.77 7.08 -20.29
CA PRO B 227 -34.90 6.69 -21.43
C PRO B 227 -33.51 6.19 -21.00
N PHE B 228 -33.03 6.66 -19.87
CA PHE B 228 -31.73 6.24 -19.38
C PHE B 228 -31.83 4.79 -18.93
N LEU B 229 -32.92 4.44 -18.25
CA LEU B 229 -33.16 3.04 -17.92
C LEU B 229 -33.18 2.15 -19.17
N ALA B 230 -33.68 2.67 -20.29
CA ALA B 230 -33.61 1.92 -21.54
C ALA B 230 -32.19 1.76 -22.06
N TYR B 231 -31.33 2.76 -21.86
CA TYR B 231 -29.92 2.62 -22.19
C TYR B 231 -29.30 1.49 -21.37
N VAL B 232 -29.65 1.42 -20.09
CA VAL B 232 -29.19 0.37 -19.19
C VAL B 232 -29.68 -1.03 -19.63
N ASP B 233 -30.98 -1.18 -19.87
CA ASP B 233 -31.53 -2.43 -20.41
C ASP B 233 -30.82 -2.89 -21.66
N LYS B 234 -30.47 -1.94 -22.51
CA LYS B 234 -29.83 -2.26 -23.78
C LYS B 234 -28.39 -2.70 -23.57
N ALA B 235 -27.76 -2.22 -22.50
CA ALA B 235 -26.35 -2.48 -22.28
C ALA B 235 -26.17 -3.88 -21.67
N LEU B 236 -27.24 -4.39 -21.07
CA LEU B 236 -27.19 -5.66 -20.37
C LEU B 236 -26.78 -6.78 -21.32
N ASN B 237 -25.68 -7.43 -20.99
CA ASN B 237 -25.17 -8.55 -21.77
C ASN B 237 -24.96 -8.23 -23.25
N SER B 238 -24.64 -6.98 -23.56
CA SER B 238 -24.49 -6.56 -24.95
C SER B 238 -23.09 -6.02 -25.26
N CYS B 239 -22.17 -6.18 -24.31
CA CYS B 239 -20.79 -5.76 -24.53
C CYS B 239 -20.70 -4.27 -24.87
N SER B 240 -21.41 -3.48 -24.09
CA SER B 240 -21.50 -2.05 -24.35
C SER B 240 -20.16 -1.29 -24.52
N PRO B 241 -19.11 -1.72 -23.79
CA PRO B 241 -17.84 -0.99 -23.93
C PRO B 241 -17.31 -0.96 -25.35
N THR B 242 -17.76 -1.88 -26.20
CA THR B 242 -17.31 -1.91 -27.57
C THR B 242 -18.19 -1.06 -28.49
N THR B 243 -19.45 -0.84 -28.11
CA THR B 243 -20.43 -0.15 -28.96
C THR B 243 -20.72 1.28 -28.47
N ILE B 244 -20.27 1.61 -27.26
CA ILE B 244 -20.52 2.91 -26.65
C ILE B 244 -19.99 4.01 -27.55
N GLU B 245 -20.65 5.16 -27.55
CA GLU B 245 -20.17 6.32 -28.31
C GLU B 245 -19.99 7.48 -27.33
N PRO B 246 -19.08 8.40 -27.64
CA PRO B 246 -18.26 8.45 -28.84
C PRO B 246 -17.04 7.55 -28.72
N ILE B 247 -16.25 7.50 -29.79
CA ILE B 247 -15.14 6.58 -29.93
C ILE B 247 -14.15 6.62 -28.75
N ASN B 248 -14.07 7.76 -28.07
CA ASN B 248 -13.10 7.94 -27.00
C ASN B 248 -13.45 7.23 -25.70
N SER B 249 -14.72 6.87 -25.56
CA SER B 249 -15.17 6.13 -24.39
C SER B 249 -15.13 4.62 -24.61
N LYS B 250 -14.69 4.21 -25.78
CA LYS B 250 -14.70 2.79 -26.12
C LYS B 250 -13.57 2.01 -25.45
N THR B 251 -13.87 0.74 -25.19
CA THR B 251 -12.89 -0.27 -24.85
C THR B 251 -12.91 -1.28 -25.98
N GLN B 252 -12.06 -1.08 -26.99
CA GLN B 252 -12.19 -1.84 -28.25
C GLN B 252 -12.03 -3.37 -28.13
N GLU B 253 -11.09 -3.82 -27.30
CA GLU B 253 -10.82 -5.25 -27.13
C GLU B 253 -11.49 -5.79 -25.87
N PHE B 254 -12.56 -5.17 -25.42
CA PHE B 254 -13.25 -5.65 -24.24
C PHE B 254 -13.68 -7.11 -24.49
N PRO B 255 -13.49 -7.99 -23.50
CA PRO B 255 -13.80 -9.41 -23.71
C PRO B 255 -15.29 -9.74 -23.61
N CYS B 256 -15.97 -9.66 -24.75
CA CYS B 256 -17.41 -9.88 -24.84
C CYS B 256 -17.80 -11.24 -24.31
N GLY B 257 -18.75 -11.24 -23.38
CA GLY B 257 -19.24 -12.46 -22.81
C GLY B 257 -18.38 -12.96 -21.66
N THR B 258 -17.38 -12.20 -21.26
CA THR B 258 -16.52 -12.64 -20.15
C THR B 258 -17.41 -12.85 -18.90
N PRO B 259 -17.20 -13.95 -18.15
CA PRO B 259 -18.18 -14.41 -17.16
C PRO B 259 -18.46 -13.44 -16.03
N LEU B 260 -17.44 -12.71 -15.59
CA LEU B 260 -17.62 -11.77 -14.50
C LEU B 260 -18.51 -10.58 -14.87
N HIS B 261 -18.67 -10.31 -16.16
CA HIS B 261 -19.42 -9.12 -16.58
C HIS B 261 -20.91 -9.42 -16.87
N ALA B 262 -21.29 -10.70 -16.78
CA ALA B 262 -22.65 -11.12 -17.15
C ALA B 262 -23.69 -10.50 -16.23
N ASP B 263 -24.78 -10.00 -16.83
CA ASP B 263 -25.92 -9.46 -16.07
C ASP B 263 -25.56 -8.24 -15.22
N LYS B 264 -24.64 -7.42 -15.71
CA LYS B 264 -24.13 -6.30 -14.94
C LYS B 264 -23.97 -5.09 -15.84
N VAL B 265 -24.28 -3.92 -15.29
CA VAL B 265 -24.08 -2.67 -16.00
C VAL B 265 -23.42 -1.67 -15.05
N ILE B 266 -22.25 -1.19 -15.44
CA ILE B 266 -21.56 -0.15 -14.71
C ILE B 266 -21.94 1.21 -15.30
N VAL B 267 -22.58 2.04 -14.50
CA VAL B 267 -22.92 3.41 -14.89
C VAL B 267 -21.84 4.40 -14.46
N LEU B 268 -21.42 5.25 -15.39
CA LEU B 268 -20.54 6.39 -15.09
C LEU B 268 -21.34 7.70 -15.05
N THR B 269 -21.10 8.52 -14.04
CA THR B 269 -21.51 9.89 -14.11
C THR B 269 -20.55 10.69 -13.24
N HIS B 270 -20.78 11.99 -13.14
CA HIS B 270 -19.89 12.87 -12.40
C HIS B 270 -20.67 13.71 -11.43
N ASP B 271 -20.16 13.79 -10.21
CA ASP B 271 -20.81 14.54 -9.15
C ASP B 271 -21.13 15.96 -9.64
N PHE B 272 -20.21 16.56 -10.37
CA PHE B 272 -20.38 17.94 -10.72
C PHE B 272 -21.54 18.22 -11.68
N LEU B 273 -22.19 17.17 -12.18
CA LEU B 273 -23.28 17.36 -13.12
C LEU B 273 -24.58 17.55 -12.36
N PHE B 274 -24.48 17.48 -11.03
CA PHE B 274 -25.62 17.54 -10.13
C PHE B 274 -25.56 18.80 -9.26
N GLU B 275 -25.01 19.85 -9.84
CA GLU B 275 -24.84 21.13 -9.19
C GLU B 275 -25.47 22.21 -10.05
N ASP B 276 -26.20 23.14 -9.42
CA ASP B 276 -26.62 24.36 -10.11
C ASP B 276 -25.42 25.31 -10.17
N GLY B 277 -24.95 25.63 -11.37
CA GLY B 277 -23.74 26.42 -11.47
C GLY B 277 -23.21 26.56 -12.88
N LYS B 278 -21.88 26.54 -13.01
CA LYS B 278 -21.24 26.91 -14.29
C LYS B 278 -21.50 25.92 -15.43
N ARG B 279 -22.02 24.72 -15.10
CA ARG B 279 -22.34 23.73 -16.13
C ARG B 279 -23.85 23.63 -16.39
N GLY B 280 -24.64 24.41 -15.66
CA GLY B 280 -26.08 24.39 -15.84
C GLY B 280 -26.79 24.19 -14.52
N MET B 281 -28.08 23.90 -14.61
CA MET B 281 -28.91 23.70 -13.42
C MET B 281 -28.94 22.22 -12.99
N GLY B 282 -27.77 21.65 -12.69
CA GLY B 282 -27.67 20.21 -12.47
C GLY B 282 -28.40 19.72 -11.24
N ALA B 283 -28.37 20.49 -10.17
CA ALA B 283 -29.02 20.12 -8.93
C ALA B 283 -30.55 20.14 -9.11
N THR B 284 -31.07 21.24 -9.63
CA THR B 284 -32.51 21.37 -9.93
C THR B 284 -33.03 20.35 -10.95
N GLN B 285 -32.31 20.14 -12.05
CA GLN B 285 -32.77 19.22 -13.08
C GLN B 285 -32.35 17.75 -12.88
N ASN B 286 -31.13 17.49 -12.42
CA ASN B 286 -30.62 16.12 -12.47
C ASN B 286 -30.74 15.31 -11.20
N LEU B 287 -30.78 15.94 -10.04
CA LEU B 287 -31.00 15.15 -8.82
C LEU B 287 -32.35 14.39 -8.88
N PRO B 288 -33.42 15.04 -9.37
CA PRO B 288 -34.68 14.29 -9.45
C PRO B 288 -34.58 13.12 -10.40
N LYS B 289 -33.85 13.29 -11.50
CA LYS B 289 -33.64 12.22 -12.47
C LYS B 289 -32.99 11.02 -11.80
N LEU B 290 -32.03 11.29 -10.93
CA LEU B 290 -31.32 10.20 -10.27
C LEU B 290 -32.27 9.50 -9.26
N ALA B 291 -33.05 10.30 -8.54
CA ALA B 291 -33.99 9.76 -7.58
C ALA B 291 -35.02 8.87 -8.30
N GLU B 292 -35.49 9.32 -9.45
CA GLU B 292 -36.50 8.59 -10.16
C GLU B 292 -35.89 7.34 -10.74
N PHE B 293 -34.73 7.49 -11.36
CA PHE B 293 -34.05 6.36 -11.99
C PHE B 293 -33.85 5.18 -11.03
N ILE B 294 -33.47 5.48 -9.80
CA ILE B 294 -33.23 4.45 -8.81
C ILE B 294 -34.54 3.74 -8.52
N ARG B 295 -35.59 4.53 -8.34
CA ARG B 295 -36.91 4.02 -8.04
C ARG B 295 -37.40 3.09 -9.13
N ILE B 296 -37.36 3.54 -10.37
CA ILE B 296 -37.90 2.74 -11.43
C ILE B 296 -36.99 1.56 -11.79
N ALA B 297 -35.69 1.70 -11.57
CA ALA B 297 -34.76 0.60 -11.82
C ALA B 297 -35.08 -0.58 -10.90
N LYS B 298 -35.25 -0.28 -9.61
CA LYS B 298 -35.64 -1.27 -8.62
C LYS B 298 -36.97 -1.92 -8.99
N GLU B 299 -37.93 -1.07 -9.35
CA GLU B 299 -39.26 -1.51 -9.79
C GLU B 299 -39.15 -2.46 -10.99
N ALA B 300 -38.16 -2.27 -11.83
CA ALA B 300 -38.02 -3.14 -12.99
C ALA B 300 -37.22 -4.41 -12.69
N GLY B 301 -36.87 -4.60 -11.42
CA GLY B 301 -36.16 -5.80 -11.00
C GLY B 301 -34.64 -5.73 -10.99
N TYR B 302 -34.06 -4.53 -11.07
CA TYR B 302 -32.62 -4.39 -10.98
C TYR B 302 -32.23 -4.29 -9.53
N VAL B 303 -31.05 -4.76 -9.15
CA VAL B 303 -30.48 -4.41 -7.86
C VAL B 303 -29.25 -3.54 -8.07
N PHE B 304 -28.91 -2.75 -7.05
CA PHE B 304 -27.72 -1.91 -7.06
C PHE B 304 -26.62 -2.43 -6.15
N ASP B 305 -25.39 -2.40 -6.63
CA ASP B 305 -24.28 -2.89 -5.85
C ASP B 305 -23.03 -2.02 -6.05
N THR B 306 -21.99 -2.33 -5.30
CA THR B 306 -20.78 -1.53 -5.30
C THR B 306 -19.56 -2.31 -5.83
N MET B 307 -18.53 -1.57 -6.23
CA MET B 307 -17.48 -2.14 -7.06
C MET B 307 -16.58 -3.07 -6.29
N ASP B 308 -16.63 -2.98 -4.97
CA ASP B 308 -15.93 -3.92 -4.09
C ASP B 308 -16.56 -5.31 -4.17
N ASN B 309 -17.74 -5.40 -4.77
CA ASN B 309 -18.44 -6.67 -4.94
C ASN B 309 -18.53 -7.07 -6.39
N TYR B 310 -18.08 -6.20 -7.29
CA TYR B 310 -18.16 -6.51 -8.72
C TYR B 310 -17.63 -7.90 -9.00
N THR B 311 -16.44 -8.18 -8.45
CA THR B 311 -15.91 -9.54 -8.43
C THR B 311 -16.41 -10.10 -7.10
N PRO B 312 -17.26 -11.14 -7.14
CA PRO B 312 -17.95 -11.51 -5.90
C PRO B 312 -17.00 -11.98 -4.80
N ARG B 313 -17.30 -11.66 -3.55
CA ARG B 313 -16.43 -12.05 -2.44
CA ARG B 313 -16.42 -12.05 -2.46
C ARG B 313 -16.53 -13.52 -2.12
N TRP B 314 -15.39 -14.15 -1.86
CA TRP B 314 -15.37 -15.54 -1.46
C TRP B 314 -16.18 -15.62 -0.19
N SER B 315 -17.07 -16.61 -0.11
CA SER B 315 -17.99 -16.71 1.01
C SER B 315 -18.12 -18.18 1.48
N VAL B 316 -17.92 -18.42 2.77
CA VAL B 316 -18.07 -19.76 3.34
C VAL B 316 -19.50 -20.24 3.14
N GLY B 317 -19.67 -21.50 2.74
CA GLY B 317 -20.99 -22.04 2.48
C GLY B 317 -21.34 -22.09 1.00
N LYS B 318 -20.89 -21.10 0.22
CA LYS B 318 -21.27 -21.03 -1.18
C LYS B 318 -20.58 -22.13 -1.97
N THR B 319 -21.25 -22.63 -2.99
CA THR B 319 -20.71 -23.65 -3.85
C THR B 319 -20.15 -23.02 -5.13
N TYR B 320 -18.95 -23.44 -5.51
CA TYR B 320 -18.26 -22.88 -6.65
C TYR B 320 -17.96 -23.97 -7.65
N GLN B 321 -18.00 -23.58 -8.92
CA GLN B 321 -17.57 -24.44 -10.01
C GLN B 321 -16.15 -24.10 -10.38
N ALA B 322 -15.45 -25.12 -10.85
CA ALA B 322 -14.11 -24.96 -11.36
C ALA B 322 -14.16 -23.89 -12.43
N GLY B 323 -13.25 -22.93 -12.34
CA GLY B 323 -13.18 -21.86 -13.31
C GLY B 323 -13.82 -20.56 -12.85
N GLU B 324 -14.63 -20.62 -11.79
CA GLU B 324 -15.32 -19.44 -11.26
C GLU B 324 -14.36 -18.50 -10.54
N TYR B 325 -14.63 -17.20 -10.59
CA TYR B 325 -13.76 -16.21 -9.98
C TYR B 325 -14.35 -15.64 -8.69
N VAL B 326 -13.49 -15.48 -7.69
CA VAL B 326 -13.90 -14.76 -6.49
C VAL B 326 -12.83 -13.74 -6.13
N LEU B 327 -13.21 -12.83 -5.25
CA LEU B 327 -12.30 -11.87 -4.70
C LEU B 327 -12.13 -12.20 -3.23
N TYR B 328 -10.90 -12.16 -2.75
CA TYR B 328 -10.66 -12.38 -1.33
C TYR B 328 -9.53 -11.46 -0.85
N GLN B 329 -9.88 -10.51 0.02
CA GLN B 329 -8.92 -9.55 0.57
C GLN B 329 -8.19 -8.85 -0.56
N GLY B 330 -8.96 -8.38 -1.53
CA GLY B 330 -8.44 -7.56 -2.60
C GLY B 330 -7.71 -8.32 -3.68
N VAL B 331 -7.68 -9.65 -3.57
CA VAL B 331 -6.99 -10.48 -4.57
C VAL B 331 -8.00 -11.38 -5.32
N VAL B 332 -7.87 -11.45 -6.64
CA VAL B 332 -8.75 -12.30 -7.42
C VAL B 332 -8.21 -13.72 -7.47
N TYR B 333 -9.09 -14.68 -7.21
CA TYR B 333 -8.76 -16.10 -7.31
C TYR B 333 -9.74 -16.83 -8.20
N LYS B 334 -9.26 -17.94 -8.77
CA LYS B 334 -10.05 -18.77 -9.69
C LYS B 334 -10.11 -20.23 -9.17
N ALA B 335 -11.30 -20.81 -9.10
CA ALA B 335 -11.44 -22.14 -8.53
C ALA B 335 -10.77 -23.24 -9.39
N VAL B 336 -9.99 -24.09 -8.73
CA VAL B 336 -9.32 -25.21 -9.38
C VAL B 336 -10.27 -26.39 -9.51
N ILE B 337 -11.14 -26.55 -8.53
CA ILE B 337 -12.05 -27.68 -8.42
C ILE B 337 -13.43 -27.22 -7.92
N SER B 338 -14.49 -27.88 -8.39
CA SER B 338 -15.85 -27.53 -7.96
C SER B 338 -16.04 -28.02 -6.54
N HIS B 339 -16.43 -27.13 -5.64
CA HIS B 339 -16.60 -27.56 -4.28
C HIS B 339 -17.43 -26.53 -3.58
N THR B 340 -17.83 -26.88 -2.37
CA THR B 340 -18.49 -25.96 -1.47
C THR B 340 -17.47 -25.42 -0.48
N ALA B 341 -17.41 -24.09 -0.39
CA ALA B 341 -16.39 -23.41 0.40
C ALA B 341 -16.53 -23.69 1.90
N GLN B 342 -15.42 -24.05 2.56
CA GLN B 342 -15.40 -24.17 4.02
C GLN B 342 -14.44 -23.17 4.68
N GLN B 343 -14.71 -22.90 5.94
CA GLN B 343 -13.93 -22.03 6.81
C GLN B 343 -12.41 -22.08 6.62
N ASP B 344 -11.86 -23.28 6.54
CA ASP B 344 -10.42 -23.41 6.50
C ASP B 344 -9.86 -23.36 5.08
N TRP B 345 -10.73 -23.16 4.09
CA TRP B 345 -10.33 -23.24 2.69
C TRP B 345 -10.36 -21.87 2.01
N ALA B 346 -9.95 -20.81 2.71
CA ALA B 346 -9.87 -19.51 2.05
C ALA B 346 -8.88 -19.57 0.89
N PRO B 347 -9.19 -18.86 -0.21
CA PRO B 347 -8.21 -18.73 -1.29
C PRO B 347 -6.94 -18.03 -0.80
N SER B 348 -5.78 -18.46 -1.31
CA SER B 348 -4.52 -17.91 -0.85
C SER B 348 -3.38 -18.37 -1.75
N SER B 349 -2.18 -17.98 -1.36
CA SER B 349 -0.97 -18.28 -2.09
C SER B 349 -0.56 -19.74 -1.94
N THR B 350 -1.27 -20.51 -1.13
CA THR B 350 -0.92 -21.92 -0.90
C THR B 350 -2.10 -22.85 -1.06
N SER B 351 -3.28 -22.30 -1.34
CA SER B 351 -4.48 -23.11 -1.56
C SER B 351 -4.36 -24.07 -2.73
N SER B 352 -4.89 -25.28 -2.56
CA SER B 352 -4.92 -26.24 -3.65
C SER B 352 -6.29 -26.20 -4.31
N LEU B 353 -7.17 -25.38 -3.77
CA LEU B 353 -8.51 -25.27 -4.32
C LEU B 353 -8.68 -24.01 -5.18
N TRP B 354 -7.74 -23.08 -5.05
CA TRP B 354 -7.80 -21.81 -5.76
C TRP B 354 -6.44 -21.47 -6.34
N THR B 355 -6.40 -20.83 -7.51
CA THR B 355 -5.16 -20.19 -7.95
C THR B 355 -5.37 -18.67 -8.06
N ASN B 356 -4.29 -17.91 -7.87
CA ASN B 356 -4.29 -16.44 -7.99
C ASN B 356 -4.57 -16.04 -9.42
N ALA B 357 -5.51 -15.14 -9.64
CA ALA B 357 -5.82 -14.70 -11.00
C ALA B 357 -5.91 -13.17 -11.04
N ASP B 358 -5.14 -12.50 -10.20
CA ASP B 358 -5.00 -11.04 -10.29
C ASP B 358 -4.50 -10.65 -11.68
N PRO B 359 -4.86 -9.44 -12.14
CA PRO B 359 -4.44 -8.96 -13.47
C PRO B 359 -3.01 -8.40 -13.52
N ALA B 360 -2.09 -9.01 -12.77
CA ALA B 360 -0.74 -8.51 -12.66
C ALA B 360 0.26 -9.17 -13.66
N THR B 361 1.42 -8.56 -13.85
CA THR B 361 2.43 -9.10 -14.74
C THR B 361 3.70 -9.52 -14.00
N ASN B 362 3.85 -9.09 -12.76
CA ASN B 362 4.96 -9.60 -11.94
C ASN B 362 4.69 -11.04 -11.56
N TRP B 363 5.72 -11.88 -11.63
CA TRP B 363 5.61 -13.27 -11.23
C TRP B 363 5.02 -13.31 -9.83
N THR B 364 4.00 -14.15 -9.65
CA THR B 364 3.25 -14.21 -8.42
C THR B 364 3.03 -15.68 -8.04
N LEU B 365 2.96 -15.98 -6.73
CA LEU B 365 2.76 -17.36 -6.28
C LEU B 365 1.38 -17.93 -6.60
N ASN B 366 1.31 -19.23 -6.87
CA ASN B 366 0.05 -19.94 -6.99
C ASN B 366 -0.79 -19.41 -8.13
N VAL B 367 -0.10 -19.00 -9.19
CA VAL B 367 -0.75 -18.60 -10.42
C VAL B 367 -0.68 -19.76 -11.43
N SER B 368 -1.79 -20.04 -12.10
CA SER B 368 -1.77 -21.01 -13.19
C SER B 368 -1.26 -20.34 -14.46
N TYR B 369 0.04 -20.49 -14.72
CA TYR B 369 0.64 -19.87 -15.90
C TYR B 369 0.52 -20.80 -17.10
N GLU B 370 0.42 -20.18 -18.27
CA GLU B 370 0.28 -20.90 -19.51
C GLU B 370 1.42 -20.50 -20.41
N GLN B 371 1.79 -21.43 -21.29
CA GLN B 371 2.84 -21.19 -22.26
C GLN B 371 2.51 -19.92 -23.00
N GLY B 372 3.50 -19.05 -23.15
CA GLY B 372 3.24 -17.79 -23.80
C GLY B 372 3.03 -16.61 -22.85
N ASP B 373 2.68 -16.92 -21.60
CA ASP B 373 2.52 -15.86 -20.61
C ASP B 373 3.91 -15.22 -20.47
N ILE B 374 3.94 -13.95 -20.11
CA ILE B 374 5.19 -13.26 -19.84
C ILE B 374 5.13 -12.70 -18.43
N VAL B 375 6.20 -12.86 -17.65
CA VAL B 375 6.22 -12.39 -16.27
C VAL B 375 7.45 -11.54 -16.03
N ASN B 376 7.38 -10.68 -15.01
CA ASN B 376 8.55 -9.93 -14.52
C ASN B 376 9.03 -10.52 -13.20
N TYR B 377 10.34 -10.66 -13.07
CA TYR B 377 10.91 -11.19 -11.84
C TYR B 377 12.29 -10.58 -11.65
N LYS B 378 12.48 -9.93 -10.51
CA LYS B 378 13.76 -9.31 -10.15
C LYS B 378 14.29 -8.46 -11.30
N GLY B 379 13.39 -7.69 -11.90
CA GLY B 379 13.77 -6.72 -12.92
C GLY B 379 13.94 -7.27 -14.31
N LYS B 380 13.72 -8.59 -14.49
CA LYS B 380 13.90 -9.24 -15.79
C LYS B 380 12.61 -9.85 -16.29
N ARG B 381 12.52 -10.01 -17.62
CA ARG B 381 11.34 -10.59 -18.23
C ARG B 381 11.56 -12.04 -18.65
N TYR B 382 10.52 -12.84 -18.45
CA TYR B 382 10.59 -14.25 -18.77
C TYR B 382 9.34 -14.66 -19.49
N LEU B 383 9.53 -15.55 -20.44
CA LEU B 383 8.46 -16.24 -21.15
C LEU B 383 8.19 -17.59 -20.51
N VAL B 384 6.94 -17.88 -20.16
CA VAL B 384 6.55 -19.22 -19.70
C VAL B 384 6.67 -20.25 -20.84
N SER B 385 7.50 -21.28 -20.64
N SER B 385 7.51 -21.27 -20.64
CA SER B 385 7.75 -22.29 -21.66
CA SER B 385 7.74 -22.30 -21.66
C SER B 385 6.79 -23.47 -21.55
C SER B 385 6.78 -23.46 -21.55
N VAL B 386 6.52 -23.92 -20.33
CA VAL B 386 5.57 -24.98 -20.09
C VAL B 386 4.57 -24.61 -19.00
N PRO B 387 3.29 -24.99 -19.19
CA PRO B 387 2.29 -24.54 -18.23
C PRO B 387 2.51 -25.16 -16.87
N HIS B 388 2.25 -24.41 -15.80
CA HIS B 388 2.40 -24.90 -14.43
C HIS B 388 1.77 -23.89 -13.45
N VAL B 389 1.52 -24.34 -12.24
CA VAL B 389 1.15 -23.44 -11.16
C VAL B 389 2.43 -23.00 -10.44
N SER B 390 2.65 -21.69 -10.31
CA SER B 390 3.87 -21.18 -9.67
C SER B 390 3.92 -21.57 -8.18
N GLN B 391 5.12 -21.72 -7.64
CA GLN B 391 5.35 -21.97 -6.23
C GLN B 391 6.73 -21.45 -5.89
N GLN B 392 7.00 -21.30 -4.59
CA GLN B 392 8.18 -20.59 -4.10
C GLN B 392 9.50 -21.08 -4.71
N ASP B 393 9.62 -22.40 -4.89
CA ASP B 393 10.85 -23.00 -5.39
C ASP B 393 11.02 -22.79 -6.88
N TRP B 394 9.95 -22.41 -7.57
CA TRP B 394 10.00 -22.40 -9.04
C TRP B 394 10.10 -20.99 -9.58
N THR B 395 11.02 -20.23 -9.03
CA THR B 395 11.24 -18.87 -9.47
C THR B 395 11.86 -18.88 -10.86
N PRO B 396 11.48 -17.91 -11.69
CA PRO B 396 11.96 -17.84 -13.06
C PRO B 396 13.48 -17.95 -13.23
N ASP B 397 14.24 -17.34 -12.33
CA ASP B 397 15.70 -17.29 -12.48
C ASP B 397 16.37 -18.65 -12.27
N THR B 398 15.63 -19.59 -11.68
CA THR B 398 16.16 -20.93 -11.39
C THR B 398 15.51 -22.07 -12.21
N GLN B 399 14.46 -21.77 -12.97
CA GLN B 399 13.73 -22.79 -13.76
C GLN B 399 13.75 -22.49 -15.25
N ASN B 400 14.82 -22.89 -15.94
CA ASN B 400 14.92 -22.59 -17.37
C ASN B 400 14.20 -23.63 -18.25
N THR B 401 13.68 -24.69 -17.62
CA THR B 401 12.77 -25.59 -18.31
C THR B 401 11.33 -25.01 -18.30
N LEU B 402 11.01 -24.20 -17.29
CA LEU B 402 9.65 -23.62 -17.21
C LEU B 402 9.58 -22.20 -17.80
N PHE B 403 10.68 -21.49 -17.70
CA PHE B 403 10.72 -20.11 -18.13
C PHE B 403 11.90 -19.92 -19.05
N THR B 404 11.74 -19.02 -20.02
CA THR B 404 12.83 -18.61 -20.89
C THR B 404 13.01 -17.12 -20.77
N ALA B 405 14.25 -16.71 -20.50
CA ALA B 405 14.57 -15.31 -20.32
C ALA B 405 14.39 -14.62 -21.65
N LEU B 406 13.78 -13.44 -21.64
CA LEU B 406 13.67 -12.58 -22.83
C LEU B 406 14.82 -11.56 -22.84
N GLU B 407 15.53 -11.47 -23.97
CA GLU B 407 16.67 -10.55 -24.11
C GLU B 407 16.21 -9.09 -24.20
C1 NAG C . 21.69 5.93 20.20
C2 NAG C . 22.15 7.27 19.91
C3 NAG C . 21.25 7.86 18.83
C4 NAG C . 21.18 6.86 17.66
C5 NAG C . 20.82 5.50 18.12
C6 NAG C . 20.97 4.49 17.00
C7 NAG C . 23.27 8.68 21.69
C8 NAG C . 23.20 9.43 23.05
N2 NAG C . 22.12 8.00 21.17
O1 NAG C . 22.61 5.45 21.17
O3 NAG C . 21.79 9.09 18.43
O4 NAG C . 20.30 7.29 16.59
O5 NAG C . 21.77 5.10 19.08
O6 NAG C . 22.32 4.45 16.57
O7 NAG C . 24.27 8.65 21.04
C1 NAG C . 21.09 7.58 15.42
C2 NAG C . 20.24 7.45 14.17
C3 NAG C . 21.16 7.77 13.01
C4 NAG C . 21.78 9.17 13.25
C5 NAG C . 22.53 9.20 14.53
C6 NAG C . 23.16 10.56 14.80
C7 NAG C . 18.38 5.61 13.53
C8 NAG C . 17.89 4.14 13.62
N2 NAG C . 19.69 6.08 14.14
O3 NAG C . 20.39 7.67 11.83
O4 NAG C . 22.76 9.53 12.26
O5 NAG C . 21.64 8.86 15.59
O6 NAG C . 22.21 11.48 15.23
O7 NAG C . 17.66 6.38 12.93
C1 NAG C . 22.39 10.65 11.40
C2 NAG C . 23.63 11.33 10.89
C3 NAG C . 23.23 12.42 9.91
C4 NAG C . 22.27 11.90 8.82
C5 NAG C . 21.15 11.17 9.46
C6 NAG C . 20.34 10.48 8.38
C7 NAG C . 25.85 11.78 12.19
C8 NAG C . 26.45 12.56 13.37
N2 NAG C . 24.41 11.96 11.95
O3 NAG C . 24.44 12.92 9.42
O4 NAG C . 21.70 12.94 8.03
O5 NAG C . 21.64 10.13 10.33
O6 NAG C . 21.16 9.47 7.84
O7 NAG C . 26.57 11.06 11.52
C1 NAG D . -16.27 10.97 -23.53
C2 NAG D . -16.10 12.44 -23.57
C3 NAG D . -15.19 12.80 -22.41
C4 NAG D . -15.68 12.11 -21.13
C5 NAG D . -16.13 10.71 -21.32
C6 NAG D . -16.80 10.17 -20.07
C7 NAG D . -16.30 13.29 -25.94
C8 NAG D . -15.58 13.58 -27.29
N2 NAG D . -15.50 12.77 -24.85
O1 NAG D . -16.91 10.57 -24.72
O3 NAG D . -15.21 14.18 -22.28
O4 NAG D . -14.61 12.07 -20.14
O5 NAG D . -17.05 10.67 -22.40
O6 NAG D . -17.87 11.00 -19.71
O7 NAG D . -17.48 13.49 -25.80
C1 NAG D . -14.84 13.07 -19.15
C2 NAG D . -13.88 12.89 -17.96
C3 NAG D . -14.05 14.10 -17.07
C4 NAG D . -14.01 15.43 -17.90
C5 NAG D . -15.03 15.39 -18.99
C6 NAG D . -15.07 16.68 -19.78
C7 NAG D . -13.34 10.74 -16.36
C8 NAG D . -13.88 9.41 -15.73
N2 NAG D . -14.21 11.64 -17.28
O3 NAG D . -13.06 14.01 -16.07
O4 NAG D . -14.41 16.61 -17.19
O5 NAG D . -14.72 14.30 -19.86
O6 NAG D . -13.75 17.07 -20.09
O7 NAG D . -12.20 10.98 -16.05
C1 NAG D . -13.37 17.46 -16.62
C2 NAG D . -13.95 18.83 -16.40
C3 NAG D . -12.90 19.73 -15.78
C4 NAG D . -12.39 19.08 -14.49
C5 NAG D . -11.91 17.74 -14.81
C6 NAG D . -11.40 17.07 -13.55
C7 NAG D . -15.70 20.01 -17.81
C8 NAG D . -16.14 20.54 -19.19
N2 NAG D . -14.40 19.36 -17.68
O3 NAG D . -13.50 20.96 -15.53
O4 NAG D . -11.28 19.81 -13.96
O5 NAG D . -12.99 16.94 -15.38
O6 NAG D . -12.45 16.65 -12.72
O7 NAG D . -16.45 20.12 -16.88
ZN ZN E . 18.31 5.97 10.81
MG MG F . 1.84 -6.60 7.76
C1 EDO G . 2.11 0.50 22.17
O1 EDO G . 2.44 1.75 22.81
C2 EDO G . 1.87 -0.61 23.21
O2 EDO G . 3.09 -0.89 23.90
C1 EDO H . 1.04 0.87 1.35
O1 EDO H . 1.79 1.28 0.19
C2 EDO H . 2.01 0.50 2.47
O2 EDO H . 1.45 -0.56 3.27
C1 EDO I . 4.13 3.78 -4.21
O1 EDO I . 4.52 3.78 -5.60
C2 EDO I . 3.50 2.46 -3.75
O2 EDO I . 2.49 2.67 -2.75
C1 EDO J . 0.26 -4.18 2.64
O1 EDO J . 0.46 -4.89 1.41
C2 EDO J . 1.50 -4.35 3.49
O2 EDO J . 1.47 -3.63 4.74
ZN ZN K . -12.54 11.64 -13.94
MG MG L . -6.09 -6.23 -5.43
C1 EDO M . -17.31 -15.68 -12.20
O1 EDO M . -16.68 -16.77 -12.85
C2 EDO M . -18.02 -16.11 -10.92
O2 EDO M . -18.83 -15.03 -10.42
#